data_2Q3Z
#
_entry.id   2Q3Z
#
_cell.length_a   71.671
_cell.length_b   71.671
_cell.length_c   309.010
_cell.angle_alpha   90.00
_cell.angle_beta   90.00
_cell.angle_gamma   90.00
#
_symmetry.space_group_name_H-M   'P 41 21 2'
#
loop_
_entity.id
_entity.type
_entity.pdbx_description
1 polymer 'Transglutaminase 2'
2 polymer Polypeptide
3 non-polymer 'SULFATE ION'
4 water water
#
loop_
_entity_poly.entity_id
_entity_poly.type
_entity_poly.pdbx_seq_one_letter_code
_entity_poly.pdbx_strand_id
1 'polypeptide(L)'
;MAEELVLERCDLELETNGRDHHTADLCREKLVVRRGQPFWLTLHFEGRNYQASVDSLTFSVVTGPAPSQEAGTKARFPLR
DAVEEGDWTATVVDQQDCTLSLQLTTPANAPIGLYRLSLEASTGYQGSSFVLGHFILLFNAWCPADAVYLDSEEERQEYV
LTQQGFIYQGSAKFIKNIPWNFGQFQDGILDICLILLDVNPKFLKNAGRDCSRRSSPVYVGRVGSGMVNCNDDQGVLLGR
WDNNYGDGVSPMSWIGSVDILRRWKNHGCQRVKYGQCWVFAAVACTVLRCLGIPTRVVTNYNSAHDQNSNLLIEYFRNEF
GEIQGDKSEMIWNFHCWVESWMTRPDLQPGYEGWQALDPTPQEKSEGTYCCGPVPVRAIKEGDLSTKYDAPFVFAEVNAD
VVDWIQQDDGSVHKSINRSLIVGLKISTKSVGRDEREDITHTYKYPEGSSEEREAFTRANHLNKLAEKEETGMAMRIRVG
QSMNMGSDFDVFAHITNNTAEEYVCRLLLCARTVSYNGILGPECGTKYLLNLTLEPFSEKSVPLCILYEKYRDCLTESNL
IKVRALLVEPVINSYLLAERDLYLENPEIKIRILGEPKQKRKLVAEVSLQNPLPVALEGCTFTVEGAGLTEEQKTVEIPD
PVEAGEEVKVRMDLVPLHMGLHKLVVNFESDKLKAVKGFRNVIIGPA
;
A
2 'polypeptide(L)' (ACE)P(ONL)LPF(NH2) X
#
# COMPACT_ATOMS: atom_id res chain seq x y z
N MET A 1 -48.11 -53.34 5.05
CA MET A 1 -47.96 -54.00 6.38
C MET A 1 -46.85 -53.32 7.17
N ALA A 2 -45.69 -53.13 6.56
CA ALA A 2 -44.53 -52.54 7.24
C ALA A 2 -44.87 -51.09 7.59
N GLU A 3 -44.62 -50.71 8.83
CA GLU A 3 -44.93 -49.35 9.25
C GLU A 3 -43.70 -48.47 9.27
N GLU A 4 -43.94 -47.17 9.16
CA GLU A 4 -42.85 -46.21 9.02
C GLU A 4 -41.97 -46.15 10.27
N LEU A 5 -40.70 -45.85 10.03
CA LEU A 5 -39.73 -45.74 11.10
C LEU A 5 -40.00 -44.50 11.95
N VAL A 6 -39.60 -44.56 13.20
CA VAL A 6 -39.74 -43.44 14.10
C VAL A 6 -38.36 -43.21 14.67
N LEU A 7 -37.80 -42.04 14.39
CA LEU A 7 -36.52 -41.66 14.93
C LEU A 7 -36.70 -41.26 16.37
N GLU A 8 -35.89 -41.86 17.23
CA GLU A 8 -35.82 -41.45 18.60
C GLU A 8 -34.88 -40.23 18.70
N ARG A 9 -33.67 -40.39 18.16
CA ARG A 9 -32.68 -39.34 18.20
C ARG A 9 -31.54 -39.58 17.24
N CYS A 10 -30.87 -38.48 16.89
CA CYS A 10 -29.68 -38.50 16.04
C CYS A 10 -28.46 -38.04 16.87
N ASP A 11 -27.40 -38.86 16.86
CA ASP A 11 -26.18 -38.59 17.59
C ASP A 11 -25.21 -37.98 16.58
N LEU A 12 -24.85 -36.73 16.83
CA LEU A 12 -23.97 -35.94 15.94
C LEU A 12 -22.50 -36.35 16.00
N GLU A 13 -22.18 -37.29 16.91
CA GLU A 13 -20.86 -37.90 17.01
C GLU A 13 -19.78 -36.81 17.10
N LEU A 14 -19.99 -35.86 18.00
CA LEU A 14 -19.12 -34.67 18.04
C LEU A 14 -17.68 -35.02 18.32
N GLU A 15 -17.46 -36.05 19.15
CA GLU A 15 -16.13 -36.40 19.57
C GLU A 15 -15.27 -36.98 18.45
N THR A 16 -15.78 -37.96 17.74
CA THR A 16 -15.02 -38.59 16.67
C THR A 16 -14.97 -37.65 15.46
N ASN A 17 -16.07 -36.98 15.17
CA ASN A 17 -16.09 -36.02 14.10
C ASN A 17 -15.08 -34.87 14.35
N GLY A 18 -15.09 -34.28 15.54
CA GLY A 18 -14.16 -33.18 15.85
C GLY A 18 -12.72 -33.58 15.61
N ARG A 19 -12.37 -34.73 16.16
CA ARG A 19 -11.02 -35.25 16.06
C ARG A 19 -10.70 -35.38 14.59
N ASP A 20 -11.53 -36.10 13.85
CA ASP A 20 -11.14 -36.49 12.51
C ASP A 20 -11.12 -35.30 11.55
N HIS A 21 -11.94 -34.29 11.84
CA HIS A 21 -12.04 -33.12 10.98
C HIS A 21 -11.16 -31.95 11.45
N HIS A 22 -10.38 -32.18 12.49
CA HIS A 22 -9.55 -31.13 13.06
C HIS A 22 -10.40 -29.93 13.47
N THR A 23 -11.57 -30.20 14.05
CA THR A 23 -12.54 -29.17 14.42
C THR A 23 -12.98 -29.33 15.89
N ALA A 24 -12.17 -30.02 16.69
CA ALA A 24 -12.58 -30.42 18.03
C ALA A 24 -12.91 -29.24 18.95
N ASP A 25 -12.12 -28.17 18.87
CA ASP A 25 -12.36 -26.97 19.69
C ASP A 25 -13.66 -26.30 19.30
N LEU A 26 -14.07 -26.50 18.05
CA LEU A 26 -15.31 -25.94 17.55
C LEU A 26 -16.56 -26.85 17.78
N CYS A 27 -16.35 -28.10 18.20
CA CYS A 27 -17.45 -29.12 18.36
C CYS A 27 -17.83 -29.45 19.78
N ARG A 28 -17.64 -28.54 20.73
CA ARG A 28 -18.01 -28.84 22.10
C ARG A 28 -19.52 -29.03 22.25
N GLU A 29 -20.29 -28.34 21.43
CA GLU A 29 -21.73 -28.46 21.48
C GLU A 29 -22.44 -28.67 20.17
N LYS A 30 -21.89 -28.13 19.10
CA LYS A 30 -22.52 -28.20 17.78
C LYS A 30 -21.56 -28.91 16.84
N LEU A 31 -22.07 -29.42 15.72
CA LEU A 31 -21.23 -30.18 14.79
C LEU A 31 -20.57 -29.27 13.73
N VAL A 32 -19.24 -29.33 13.66
CA VAL A 32 -18.46 -28.58 12.66
C VAL A 32 -17.52 -29.54 12.00
N VAL A 33 -17.60 -29.60 10.67
CA VAL A 33 -16.83 -30.55 9.90
C VAL A 33 -16.28 -29.88 8.65
N ARG A 34 -15.40 -30.56 7.94
CA ARG A 34 -14.71 -29.97 6.80
C ARG A 34 -15.08 -30.74 5.55
N ARG A 35 -15.11 -30.02 4.43
CA ARG A 35 -15.65 -30.59 3.19
C ARG A 35 -14.71 -31.62 2.56
N GLY A 36 -15.31 -32.54 1.80
CA GLY A 36 -14.61 -33.53 1.03
C GLY A 36 -14.19 -34.72 1.85
N GLN A 37 -14.67 -34.84 3.09
CA GLN A 37 -14.18 -35.84 4.04
C GLN A 37 -15.39 -36.46 4.75
N PRO A 38 -15.40 -37.79 4.86
CA PRO A 38 -16.55 -38.42 5.55
C PRO A 38 -16.69 -37.98 7.01
N PHE A 39 -17.93 -37.80 7.42
CA PHE A 39 -18.25 -37.65 8.83
C PHE A 39 -19.39 -38.58 9.20
N TRP A 40 -19.62 -38.76 10.50
CA TRP A 40 -20.54 -39.79 10.99
C TRP A 40 -21.74 -39.21 11.74
N LEU A 41 -22.90 -39.86 11.57
CA LEU A 41 -24.12 -39.55 12.31
C LEU A 41 -24.69 -40.91 12.68
N THR A 42 -25.21 -41.06 13.90
CA THR A 42 -25.77 -42.35 14.33
C THR A 42 -27.21 -42.17 14.68
N LEU A 43 -28.08 -42.86 13.94
CA LEU A 43 -29.52 -42.76 14.11
C LEU A 43 -29.96 -43.84 15.09
N HIS A 44 -30.87 -43.46 15.98
CA HIS A 44 -31.49 -44.33 16.95
C HIS A 44 -32.97 -44.34 16.67
N PHE A 45 -33.53 -45.51 16.34
CA PHE A 45 -34.95 -45.63 16.03
C PHE A 45 -35.71 -46.16 17.24
N GLU A 46 -36.93 -45.66 17.40
CA GLU A 46 -37.86 -46.12 18.41
C GLU A 46 -38.62 -47.30 17.81
N GLY A 47 -38.49 -48.46 18.44
CA GLY A 47 -39.02 -49.69 17.87
C GLY A 47 -38.10 -50.33 16.84
N ARG A 48 -38.68 -50.64 15.69
CA ARG A 48 -37.99 -51.29 14.58
C ARG A 48 -36.83 -50.45 14.00
N ASN A 49 -35.69 -51.10 13.75
CA ASN A 49 -34.56 -50.51 13.02
C ASN A 49 -34.85 -50.48 11.52
N TYR A 50 -34.02 -49.73 10.83
CA TYR A 50 -34.02 -49.63 9.40
C TYR A 50 -33.82 -51.01 8.76
N GLN A 51 -34.55 -51.26 7.69
CA GLN A 51 -34.40 -52.47 6.89
C GLN A 51 -34.29 -52.04 5.43
N ALA A 52 -33.12 -52.22 4.83
CA ALA A 52 -32.88 -51.69 3.48
C ALA A 52 -33.88 -52.20 2.44
N SER A 53 -34.45 -53.38 2.65
CA SER A 53 -35.36 -53.96 1.67
C SER A 53 -36.77 -53.35 1.74
N VAL A 54 -37.08 -52.68 2.83
CA VAL A 54 -38.39 -52.07 3.05
C VAL A 54 -38.31 -50.53 3.08
N ASP A 55 -37.22 -50.00 3.66
CA ASP A 55 -37.17 -48.57 3.97
C ASP A 55 -36.25 -47.86 2.99
N SER A 56 -36.69 -46.71 2.50
CA SER A 56 -35.90 -45.82 1.64
C SER A 56 -35.71 -44.49 2.32
N LEU A 57 -34.46 -44.20 2.67
CA LEU A 57 -34.12 -42.96 3.38
C LEU A 57 -33.47 -42.00 2.41
N THR A 58 -33.89 -40.74 2.47
CA THR A 58 -33.34 -39.69 1.60
C THR A 58 -33.00 -38.50 2.48
N PHE A 59 -31.82 -37.92 2.27
CA PHE A 59 -31.36 -36.76 3.02
C PHE A 59 -31.43 -35.50 2.16
N SER A 60 -31.70 -34.37 2.81
CA SER A 60 -31.65 -33.05 2.17
C SER A 60 -30.89 -32.07 3.03
N VAL A 61 -30.00 -31.31 2.37
CA VAL A 61 -29.25 -30.22 3.02
C VAL A 61 -29.53 -28.93 2.28
N VAL A 62 -29.67 -27.84 3.03
CA VAL A 62 -29.72 -26.51 2.45
C VAL A 62 -28.77 -25.57 3.24
N THR A 63 -28.18 -24.58 2.56
CA THR A 63 -27.43 -23.51 3.23
C THR A 63 -27.86 -22.16 2.65
N GLY A 64 -27.96 -21.14 3.51
CA GLY A 64 -28.30 -19.80 3.08
C GLY A 64 -29.78 -19.54 2.97
N PRO A 65 -30.15 -18.30 2.64
CA PRO A 65 -31.52 -17.86 2.61
C PRO A 65 -32.27 -18.14 1.30
N ALA A 66 -31.58 -18.67 0.29
CA ALA A 66 -32.20 -18.93 -1.02
C ALA A 66 -31.46 -20.10 -1.66
N PRO A 67 -31.53 -21.27 -1.01
CA PRO A 67 -30.81 -22.44 -1.48
C PRO A 67 -31.35 -22.92 -2.83
N SER A 68 -30.48 -23.44 -3.67
CA SER A 68 -30.92 -24.07 -4.92
C SER A 68 -29.90 -25.14 -5.29
N GLN A 69 -30.36 -26.16 -6.02
CA GLN A 69 -29.49 -27.25 -6.43
C GLN A 69 -28.50 -26.82 -7.49
N GLU A 70 -28.92 -26.01 -8.42
CA GLU A 70 -28.04 -25.48 -9.42
C GLU A 70 -26.93 -24.62 -8.84
N ALA A 71 -27.24 -23.88 -7.79
CA ALA A 71 -26.23 -23.10 -7.04
C ALA A 71 -25.37 -23.90 -6.08
N GLY A 72 -25.68 -25.18 -5.87
CA GLY A 72 -24.86 -26.02 -4.97
C GLY A 72 -25.17 -25.79 -3.51
N THR A 73 -26.17 -24.98 -3.22
CA THR A 73 -26.52 -24.66 -1.84
C THR A 73 -27.69 -25.51 -1.34
N LYS A 74 -28.20 -26.40 -2.21
CA LYS A 74 -29.22 -27.40 -1.83
C LYS A 74 -28.76 -28.72 -2.41
N ALA A 75 -28.85 -29.79 -1.63
CA ALA A 75 -28.58 -31.14 -2.17
C ALA A 75 -29.53 -32.18 -1.54
N ARG A 76 -29.94 -33.12 -2.37
CA ARG A 76 -30.79 -34.24 -1.96
C ARG A 76 -30.02 -35.50 -2.35
N PHE A 77 -29.97 -36.48 -1.43
CA PHE A 77 -29.19 -37.70 -1.67
C PHE A 77 -29.70 -38.91 -0.84
N PRO A 78 -29.74 -40.09 -1.47
CA PRO A 78 -30.30 -41.27 -0.79
C PRO A 78 -29.25 -41.98 0.07
N LEU A 79 -29.74 -42.65 1.12
CA LEU A 79 -28.92 -43.61 1.85
C LEU A 79 -28.82 -44.87 0.99
N ARG A 80 -27.62 -45.21 0.55
CA ARG A 80 -27.40 -46.38 -0.28
C ARG A 80 -25.94 -46.82 -0.25
N ASP A 81 -25.65 -48.04 -0.69
CA ASP A 81 -24.29 -48.57 -0.61
C ASP A 81 -23.32 -47.96 -1.62
N ALA A 82 -23.79 -47.68 -2.84
CA ALA A 82 -22.90 -47.12 -3.87
C ALA A 82 -22.57 -45.66 -3.53
N VAL A 83 -21.27 -45.38 -3.44
CA VAL A 83 -20.81 -44.02 -3.09
C VAL A 83 -20.08 -43.39 -4.27
N GLU A 84 -20.72 -42.36 -4.84
CA GLU A 84 -20.17 -41.64 -5.97
C GLU A 84 -19.16 -40.63 -5.47
N GLU A 85 -17.91 -40.79 -5.87
CA GLU A 85 -16.84 -39.94 -5.36
C GLU A 85 -17.05 -38.48 -5.76
N GLY A 86 -16.97 -37.58 -4.78
CA GLY A 86 -17.06 -36.14 -5.08
C GLY A 86 -18.47 -35.60 -5.01
N ASP A 87 -19.43 -36.47 -4.68
CA ASP A 87 -20.82 -36.06 -4.44
C ASP A 87 -21.22 -36.07 -2.97
N TRP A 88 -22.33 -35.44 -2.69
CA TRP A 88 -23.05 -35.57 -1.44
C TRP A 88 -23.57 -37.02 -1.38
N THR A 89 -23.15 -37.79 -0.38
CA THR A 89 -23.60 -39.20 -0.22
C THR A 89 -23.79 -39.59 1.24
N ALA A 90 -24.56 -40.66 1.45
CA ALA A 90 -24.78 -41.19 2.78
C ALA A 90 -24.81 -42.69 2.62
N THR A 91 -24.05 -43.40 3.46
CA THR A 91 -24.04 -44.84 3.43
C THR A 91 -23.98 -45.42 4.84
N VAL A 92 -24.46 -46.65 4.97
CA VAL A 92 -24.42 -47.38 6.24
C VAL A 92 -23.04 -47.98 6.44
N VAL A 93 -22.50 -47.73 7.63
CA VAL A 93 -21.25 -48.35 8.02
C VAL A 93 -21.36 -49.25 9.26
N ASP A 94 -22.51 -49.24 9.95
CA ASP A 94 -22.70 -50.18 11.06
C ASP A 94 -24.18 -50.23 11.37
N GLN A 95 -24.68 -51.38 11.79
CA GLN A 95 -26.08 -51.52 12.11
C GLN A 95 -26.22 -52.49 13.26
N GLN A 96 -26.80 -52.00 14.36
CA GLN A 96 -26.95 -52.78 15.57
C GLN A 96 -28.43 -52.84 15.88
N ASP A 97 -28.79 -53.45 17.01
CA ASP A 97 -30.20 -53.66 17.34
C ASP A 97 -31.07 -52.46 16.98
N CYS A 98 -30.83 -51.32 17.63
CA CYS A 98 -31.66 -50.12 17.48
C CYS A 98 -30.97 -48.96 16.76
N THR A 99 -29.69 -49.15 16.44
CA THR A 99 -28.84 -48.07 15.92
C THR A 99 -28.40 -48.29 14.45
N LEU A 100 -28.26 -47.18 13.75
CA LEU A 100 -27.80 -47.20 12.38
C LEU A 100 -26.76 -46.10 12.26
N SER A 101 -25.51 -46.49 12.06
CA SER A 101 -24.42 -45.52 11.94
C SER A 101 -24.20 -45.24 10.47
N LEU A 102 -24.24 -43.96 10.13
CA LEU A 102 -24.11 -43.51 8.76
C LEU A 102 -22.83 -42.71 8.58
N GLN A 103 -22.26 -42.83 7.38
CA GLN A 103 -21.17 -42.00 6.90
C GLN A 103 -21.63 -41.09 5.76
N LEU A 104 -21.57 -39.78 5.98
CA LEU A 104 -21.96 -38.77 5.00
C LEU A 104 -20.69 -38.12 4.46
N THR A 105 -20.63 -37.84 3.16
CA THR A 105 -19.51 -37.05 2.59
C THR A 105 -20.10 -35.87 1.85
N THR A 106 -19.37 -34.75 1.80
CA THR A 106 -19.77 -33.55 1.05
C THR A 106 -18.76 -33.41 -0.08
N PRO A 107 -19.11 -32.72 -1.18
CA PRO A 107 -18.14 -32.44 -2.24
C PRO A 107 -17.00 -31.56 -1.71
N ALA A 108 -15.80 -31.77 -2.22
CA ALA A 108 -14.62 -31.01 -1.83
C ALA A 108 -14.72 -29.55 -2.33
N ASN A 109 -15.76 -29.23 -3.11
CA ASN A 109 -16.02 -27.85 -3.53
C ASN A 109 -17.38 -27.35 -3.10
N ALA A 110 -17.96 -27.98 -2.06
CA ALA A 110 -19.24 -27.49 -1.54
C ALA A 110 -19.09 -26.10 -0.94
N PRO A 111 -20.13 -25.29 -1.01
CA PRO A 111 -20.12 -24.04 -0.29
C PRO A 111 -19.97 -24.24 1.20
N ILE A 112 -19.16 -23.38 1.84
CA ILE A 112 -18.96 -23.46 3.24
C ILE A 112 -20.10 -22.71 3.91
N GLY A 113 -20.35 -23.04 5.17
CA GLY A 113 -21.39 -22.37 5.92
C GLY A 113 -22.23 -23.31 6.76
N LEU A 114 -23.24 -22.74 7.39
CA LEU A 114 -24.23 -23.47 8.18
C LEU A 114 -25.24 -24.18 7.28
N TYR A 115 -25.35 -25.51 7.44
CA TYR A 115 -26.36 -26.33 6.73
C TYR A 115 -27.41 -26.91 7.69
N ARG A 116 -28.65 -26.96 7.23
CA ARG A 116 -29.72 -27.72 7.91
C ARG A 116 -29.85 -29.06 7.21
N LEU A 117 -29.76 -30.15 8.01
CA LEU A 117 -29.86 -31.52 7.55
C LEU A 117 -31.25 -32.09 7.90
N SER A 118 -31.95 -32.54 6.86
CA SER A 118 -33.28 -33.09 7.00
C SER A 118 -33.30 -34.52 6.47
N LEU A 119 -34.22 -35.33 6.99
CA LEU A 119 -34.34 -36.74 6.60
C LEU A 119 -35.79 -37.05 6.24
N GLU A 120 -35.96 -37.69 5.10
CA GLU A 120 -37.23 -38.32 4.72
C GLU A 120 -37.04 -39.83 4.79
N ALA A 121 -37.93 -40.51 5.50
CA ALA A 121 -37.91 -41.96 5.59
C ALA A 121 -39.21 -42.44 4.96
N SER A 122 -39.10 -43.36 4.02
CA SER A 122 -40.27 -43.88 3.35
C SER A 122 -40.33 -45.40 3.41
N THR A 123 -41.47 -45.90 3.91
CA THR A 123 -41.73 -47.32 4.00
C THR A 123 -42.95 -47.57 3.17
N GLY A 124 -42.73 -48.24 2.03
CA GLY A 124 -43.81 -48.67 1.16
C GLY A 124 -44.62 -47.50 0.65
N TYR A 125 -45.91 -47.50 1.01
CA TYR A 125 -46.85 -46.51 0.51
C TYR A 125 -46.96 -45.26 1.40
N GLN A 126 -45.94 -44.96 2.20
CA GLN A 126 -46.00 -43.84 3.14
C GLN A 126 -44.62 -43.26 3.37
N GLY A 127 -44.59 -41.97 3.68
CA GLY A 127 -43.36 -41.23 3.90
C GLY A 127 -43.50 -40.17 4.98
N SER A 128 -42.37 -39.82 5.57
CA SER A 128 -42.32 -38.81 6.63
C SER A 128 -40.97 -38.10 6.60
N SER A 129 -41.00 -36.77 6.68
CA SER A 129 -39.83 -35.93 6.48
C SER A 129 -39.66 -34.94 7.60
N PHE A 130 -38.41 -34.72 8.02
CA PHE A 130 -38.14 -33.88 9.19
C PHE A 130 -36.65 -33.51 9.39
N VAL A 131 -36.44 -32.53 10.27
CA VAL A 131 -35.14 -31.91 10.50
C VAL A 131 -34.32 -32.77 11.48
N LEU A 132 -33.18 -33.28 11.02
CA LEU A 132 -32.23 -34.02 11.86
C LEU A 132 -31.37 -33.15 12.71
N GLY A 133 -30.87 -32.07 12.11
CA GLY A 133 -30.10 -31.09 12.85
C GLY A 133 -29.38 -30.15 11.88
N HIS A 134 -28.23 -29.66 12.32
CA HIS A 134 -27.44 -28.71 11.55
C HIS A 134 -26.01 -29.10 11.67
N PHE A 135 -25.19 -28.63 10.73
CA PHE A 135 -23.74 -28.69 10.86
C PHE A 135 -23.12 -27.51 10.12
N ILE A 136 -21.92 -27.15 10.53
CA ILE A 136 -21.18 -26.09 9.81
C ILE A 136 -20.08 -26.77 9.05
N LEU A 137 -19.97 -26.43 7.76
CA LEU A 137 -19.04 -27.04 6.86
C LEU A 137 -17.92 -26.04 6.51
N LEU A 138 -16.67 -26.45 6.65
CA LEU A 138 -15.52 -25.53 6.47
C LEU A 138 -14.57 -26.04 5.41
N PHE A 139 -13.60 -25.19 5.02
CA PHE A 139 -12.59 -25.58 4.04
C PHE A 139 -11.69 -26.61 4.65
N ASN A 140 -11.13 -27.48 3.80
CA ASN A 140 -10.42 -28.63 4.30
C ASN A 140 -9.00 -28.71 3.70
N ALA A 141 -8.03 -28.23 4.45
CA ALA A 141 -6.65 -28.24 4.03
C ALA A 141 -6.07 -29.64 4.08
N TRP A 142 -6.81 -30.60 4.68
CA TRP A 142 -6.37 -32.00 4.70
C TRP A 142 -6.88 -32.81 3.52
N CYS A 143 -7.82 -32.27 2.77
CA CYS A 143 -8.43 -33.03 1.68
C CYS A 143 -7.73 -32.77 0.35
N PRO A 144 -7.10 -33.79 -0.24
CA PRO A 144 -6.44 -33.53 -1.50
C PRO A 144 -7.23 -32.83 -2.57
N ALA A 145 -8.55 -32.97 -2.57
CA ALA A 145 -9.39 -32.43 -3.65
C ALA A 145 -9.84 -31.01 -3.36
N ASP A 146 -9.61 -30.53 -2.14
CA ASP A 146 -10.02 -29.19 -1.73
C ASP A 146 -8.98 -28.19 -2.29
N ALA A 147 -9.48 -27.05 -2.81
CA ALA A 147 -8.66 -25.94 -3.33
C ALA A 147 -7.60 -25.45 -2.32
N VAL A 148 -7.92 -25.54 -1.01
CA VAL A 148 -7.01 -25.12 0.06
C VAL A 148 -6.03 -26.22 0.54
N TYR A 149 -5.96 -27.36 -0.14
CA TYR A 149 -5.14 -28.45 0.33
C TYR A 149 -3.71 -27.99 0.47
N LEU A 150 -3.10 -28.42 1.58
CA LEU A 150 -1.69 -28.23 1.92
C LEU A 150 -1.14 -29.61 2.09
N ASP A 151 -0.08 -29.95 1.38
CA ASP A 151 0.44 -31.31 1.45
C ASP A 151 1.25 -31.65 2.69
N SER A 152 1.36 -30.71 3.62
CA SER A 152 2.26 -30.85 4.76
C SER A 152 1.48 -30.70 6.06
N GLU A 153 1.53 -31.71 6.91
CA GLU A 153 0.82 -31.65 8.19
C GLU A 153 1.31 -30.52 9.08
N GLU A 154 2.62 -30.31 9.13
CA GLU A 154 3.19 -29.25 10.00
C GLU A 154 2.69 -27.87 9.57
N GLU A 155 2.48 -27.66 8.28
CA GLU A 155 1.94 -26.39 7.80
C GLU A 155 0.43 -26.25 8.05
N ARG A 156 -0.28 -27.37 7.96
CA ARG A 156 -1.70 -27.34 8.29
C ARG A 156 -1.84 -27.00 9.75
N GLN A 157 -0.98 -27.55 10.62
CA GLN A 157 -1.02 -27.18 12.04
C GLN A 157 -0.79 -25.67 12.26
N GLU A 158 0.25 -25.15 11.62
CA GLU A 158 0.60 -23.73 11.73
C GLU A 158 -0.46 -22.81 11.20
N TYR A 159 -0.86 -23.04 9.96
CA TYR A 159 -1.61 -22.05 9.22
C TYR A 159 -3.13 -22.19 9.36
N VAL A 160 -3.61 -23.28 9.97
CA VAL A 160 -5.06 -23.42 10.19
C VAL A 160 -5.38 -23.47 11.68
N LEU A 161 -4.65 -24.35 12.38
CA LEU A 161 -4.97 -24.81 13.73
C LEU A 161 -4.34 -24.05 14.89
N THR A 162 -3.17 -23.46 14.66
CA THR A 162 -2.44 -22.79 15.73
C THR A 162 -3.09 -21.44 16.01
N GLN A 163 -3.46 -21.19 17.27
CA GLN A 163 -4.33 -20.04 17.62
C GLN A 163 -3.57 -18.80 18.12
N GLN A 164 -2.25 -18.93 18.24
CA GLN A 164 -1.38 -17.82 18.63
C GLN A 164 -0.18 -17.78 17.68
N GLY A 165 0.41 -16.61 17.55
CA GLY A 165 1.54 -16.48 16.65
C GLY A 165 2.27 -15.20 16.92
N PHE A 166 3.02 -14.75 15.93
CA PHE A 166 3.84 -13.52 16.09
C PHE A 166 3.53 -12.58 14.95
N ILE A 167 3.46 -11.29 15.28
CA ILE A 167 3.34 -10.26 14.29
C ILE A 167 4.60 -9.40 14.42
N TYR A 168 5.35 -9.27 13.34
CA TYR A 168 6.62 -8.56 13.42
C TYR A 168 6.40 -7.07 13.19
N GLN A 169 7.02 -6.26 14.04
CA GLN A 169 6.94 -4.81 13.94
C GLN A 169 8.36 -4.26 14.21
N GLY A 170 8.44 -2.99 14.60
CA GLY A 170 9.71 -2.29 14.77
C GLY A 170 10.23 -1.79 13.43
N SER A 171 11.47 -2.13 13.12
CA SER A 171 12.14 -1.68 11.91
C SER A 171 12.96 -2.83 11.33
N ALA A 172 13.44 -2.63 10.11
CA ALA A 172 14.24 -3.62 9.43
C ALA A 172 15.49 -3.98 10.23
N LYS A 173 16.03 -3.01 10.97
CA LYS A 173 17.22 -3.23 11.78
C LYS A 173 16.94 -3.72 13.18
N PHE A 174 15.77 -3.37 13.71
CA PHE A 174 15.35 -3.77 15.04
C PHE A 174 13.94 -4.37 14.95
N ILE A 175 13.88 -5.61 14.50
CA ILE A 175 12.62 -6.32 14.34
C ILE A 175 12.01 -6.68 15.70
N LYS A 176 10.75 -6.28 15.95
CA LYS A 176 10.00 -6.65 17.16
C LYS A 176 9.05 -7.80 16.86
N ASN A 177 9.02 -8.80 17.72
CA ASN A 177 8.06 -9.92 17.57
C ASN A 177 6.99 -9.76 18.60
N ILE A 178 5.79 -9.40 18.18
CA ILE A 178 4.73 -9.14 19.12
C ILE A 178 3.88 -10.41 19.10
N PRO A 179 3.73 -11.11 20.24
CA PRO A 179 2.89 -12.30 20.25
C PRO A 179 1.42 -11.90 20.06
N TRP A 180 0.62 -12.79 19.51
CA TRP A 180 -0.76 -12.46 19.20
C TRP A 180 -1.69 -13.66 19.35
N ASN A 181 -2.83 -13.43 19.98
CA ASN A 181 -3.87 -14.46 20.10
C ASN A 181 -4.85 -14.31 18.97
N PHE A 182 -4.68 -15.10 17.93
CA PHE A 182 -5.64 -15.16 16.84
C PHE A 182 -7.00 -15.69 17.32
N GLY A 183 -6.98 -16.74 18.12
CA GLY A 183 -8.16 -17.20 18.85
C GLY A 183 -9.29 -17.72 17.98
N GLN A 184 -8.97 -18.23 16.80
CA GLN A 184 -9.96 -18.58 15.78
C GLN A 184 -11.00 -19.62 16.25
N PHE A 185 -10.67 -20.43 17.25
CA PHE A 185 -11.63 -21.46 17.74
C PHE A 185 -12.20 -21.11 19.08
N GLN A 186 -12.04 -19.86 19.53
CA GLN A 186 -12.66 -19.44 20.79
C GLN A 186 -14.18 -19.39 20.61
N ASP A 187 -14.87 -19.48 21.73
CA ASP A 187 -16.33 -19.55 21.73
C ASP A 187 -16.95 -18.31 21.05
N GLY A 188 -17.82 -18.53 20.07
CA GLY A 188 -18.53 -17.42 19.43
C GLY A 188 -17.86 -16.94 18.15
N ILE A 189 -16.58 -17.23 17.98
CA ILE A 189 -15.81 -16.63 16.88
C ILE A 189 -16.23 -17.13 15.52
N LEU A 190 -16.43 -18.44 15.37
CA LEU A 190 -16.96 -18.99 14.12
C LEU A 190 -18.32 -18.39 13.71
N ASP A 191 -19.23 -18.27 14.67
CA ASP A 191 -20.54 -17.64 14.45
C ASP A 191 -20.33 -16.20 13.98
N ILE A 192 -19.42 -15.47 14.65
CA ILE A 192 -19.14 -14.09 14.23
C ILE A 192 -18.63 -14.03 12.78
N CYS A 193 -17.81 -15.00 12.40
CA CYS A 193 -17.24 -15.10 11.06
C CYS A 193 -18.28 -15.40 9.99
N LEU A 194 -19.26 -16.25 10.33
CA LEU A 194 -20.40 -16.50 9.45
C LEU A 194 -21.27 -15.29 9.35
N ILE A 195 -21.45 -14.56 10.45
CA ILE A 195 -22.15 -13.29 10.43
C ILE A 195 -21.46 -12.30 9.48
N LEU A 196 -20.14 -12.19 9.59
CA LEU A 196 -19.41 -11.28 8.74
C LEU A 196 -19.71 -11.56 7.25
N LEU A 197 -19.76 -12.82 6.85
CA LEU A 197 -20.08 -13.18 5.46
C LEU A 197 -21.50 -12.79 5.07
N ASP A 198 -22.45 -12.91 6.01
CA ASP A 198 -23.84 -12.65 5.74
C ASP A 198 -24.22 -11.19 5.80
N VAL A 199 -23.31 -10.30 6.23
CA VAL A 199 -23.53 -8.86 6.10
C VAL A 199 -22.62 -8.22 5.04
N ASN A 200 -21.91 -9.03 4.26
CA ASN A 200 -21.00 -8.47 3.27
C ASN A 200 -21.86 -7.95 2.13
N PRO A 201 -21.44 -6.82 1.50
CA PRO A 201 -22.22 -6.20 0.44
C PRO A 201 -22.64 -7.10 -0.74
N LYS A 202 -21.81 -8.07 -1.11
CA LYS A 202 -22.19 -9.03 -2.15
C LYS A 202 -23.38 -9.93 -1.76
N PHE A 203 -23.52 -10.22 -0.47
CA PHE A 203 -24.67 -10.96 0.08
C PHE A 203 -25.89 -10.11 0.03
N LEU A 204 -25.76 -8.80 0.30
CA LEU A 204 -26.91 -7.93 0.19
C LEU A 204 -27.33 -7.77 -1.27
N LYS A 205 -26.38 -7.77 -2.18
CA LYS A 205 -26.67 -7.58 -3.60
C LYS A 205 -27.35 -8.83 -4.19
N ASN A 206 -26.91 -10.00 -3.76
CA ASN A 206 -27.42 -11.28 -4.25
C ASN A 206 -27.06 -12.38 -3.25
N ALA A 207 -27.89 -12.63 -2.23
CA ALA A 207 -27.49 -13.62 -1.20
C ALA A 207 -27.43 -15.03 -1.76
N GLY A 208 -28.31 -15.41 -2.67
CA GLY A 208 -28.22 -16.79 -3.21
C GLY A 208 -26.91 -17.04 -3.92
N ARG A 209 -26.50 -16.09 -4.73
CA ARG A 209 -25.20 -16.18 -5.43
C ARG A 209 -24.06 -16.10 -4.46
N ASP A 210 -24.16 -15.19 -3.51
CA ASP A 210 -23.07 -15.07 -2.52
C ASP A 210 -22.80 -16.40 -1.80
N CYS A 211 -23.87 -17.06 -1.34
CA CYS A 211 -23.69 -18.33 -0.64
C CYS A 211 -23.16 -19.42 -1.54
N SER A 212 -23.54 -19.40 -2.80
CA SER A 212 -23.01 -20.34 -3.81
C SER A 212 -21.51 -20.13 -4.02
N ARG A 213 -21.11 -18.85 -4.15
CA ARG A 213 -19.67 -18.52 -4.32
C ARG A 213 -18.78 -18.84 -3.15
N ARG A 214 -19.38 -19.09 -1.98
CA ARG A 214 -18.62 -19.53 -0.83
C ARG A 214 -18.04 -20.94 -1.01
N SER A 215 -18.21 -21.55 -2.18
CA SER A 215 -17.35 -22.69 -2.53
C SER A 215 -15.89 -22.33 -2.68
N SER A 216 -15.63 -21.07 -3.03
CA SER A 216 -14.27 -20.67 -3.48
C SER A 216 -13.52 -19.98 -2.38
N PRO A 217 -12.29 -20.43 -2.11
CA PRO A 217 -11.45 -19.75 -1.15
C PRO A 217 -10.92 -18.41 -1.71
N VAL A 218 -11.04 -18.19 -3.03
CA VAL A 218 -10.70 -16.91 -3.67
C VAL A 218 -11.78 -15.94 -3.30
N TYR A 219 -13.03 -16.35 -3.51
CA TYR A 219 -14.17 -15.53 -3.13
C TYR A 219 -14.18 -15.21 -1.65
N VAL A 220 -13.98 -16.21 -0.81
CA VAL A 220 -14.15 -16.05 0.64
C VAL A 220 -12.95 -15.27 1.26
N GLY A 221 -11.75 -15.56 0.77
CA GLY A 221 -10.57 -14.78 1.11
C GLY A 221 -10.78 -13.31 0.82
N ARG A 222 -11.21 -13.00 -0.40
CA ARG A 222 -11.50 -11.63 -0.83
C ARG A 222 -12.50 -10.89 0.03
N VAL A 223 -13.61 -11.56 0.33
CA VAL A 223 -14.66 -11.01 1.17
C VAL A 223 -14.20 -10.92 2.63
N GLY A 224 -13.60 -11.99 3.11
CA GLY A 224 -13.15 -12.13 4.48
C GLY A 224 -12.13 -11.03 4.84
N SER A 225 -11.00 -11.02 4.16
CA SER A 225 -10.05 -9.90 4.28
C SER A 225 -10.71 -8.54 4.02
N GLY A 226 -11.45 -8.48 2.90
CA GLY A 226 -12.03 -7.21 2.46
C GLY A 226 -12.99 -6.59 3.44
N MET A 227 -13.57 -7.41 4.31
CA MET A 227 -14.59 -6.95 5.25
C MET A 227 -14.00 -6.39 6.54
N VAL A 228 -12.70 -6.57 6.72
CA VAL A 228 -12.06 -6.22 7.99
C VAL A 228 -11.94 -4.72 8.11
N ASN A 229 -11.55 -4.10 7.01
CA ASN A 229 -11.53 -2.65 6.93
C ASN A 229 -12.29 -2.21 5.69
N CYS A 230 -13.60 -2.16 5.82
CA CYS A 230 -14.46 -2.04 4.66
C CYS A 230 -15.03 -0.63 4.59
N ASN A 231 -14.78 0.02 3.45
CA ASN A 231 -15.36 1.33 3.13
C ASN A 231 -16.83 1.52 3.56
N ASP A 232 -17.61 0.45 3.55
CA ASP A 232 -18.98 0.47 4.05
C ASP A 232 -18.94 0.44 5.59
N ASP A 233 -20.02 0.89 6.22
CA ASP A 233 -20.01 1.06 7.68
C ASP A 233 -20.01 -0.26 8.46
N GLN A 234 -20.20 -1.39 7.76
CA GLN A 234 -20.30 -2.70 8.41
C GLN A 234 -18.99 -3.45 8.52
N GLY A 235 -17.88 -2.83 8.09
CA GLY A 235 -16.56 -3.45 8.28
C GLY A 235 -16.13 -3.61 9.73
N VAL A 236 -15.09 -4.42 9.99
CA VAL A 236 -14.75 -4.72 11.38
C VAL A 236 -14.02 -3.57 12.12
N LEU A 237 -13.08 -2.91 11.44
CA LEU A 237 -12.20 -1.91 12.07
C LEU A 237 -12.19 -0.55 11.35
N LEU A 238 -11.91 0.52 12.10
CA LEU A 238 -11.61 1.85 11.52
C LEU A 238 -10.16 2.24 11.75
N GLY A 239 -9.47 2.66 10.69
CA GLY A 239 -8.05 3.00 10.76
C GLY A 239 -7.85 4.37 11.38
N ARG A 240 -6.66 4.61 11.94
CA ARG A 240 -6.28 5.91 12.52
C ARG A 240 -4.78 5.89 12.84
N TRP A 241 -4.07 6.96 12.46
CA TRP A 241 -2.61 7.03 12.59
C TRP A 241 -2.10 8.35 13.17
N ASP A 242 -2.95 9.08 13.89
CA ASP A 242 -2.59 10.42 14.35
C ASP A 242 -2.34 10.48 15.85
N ASN A 243 -2.02 9.32 16.45
CA ASN A 243 -1.72 9.23 17.88
C ASN A 243 -2.88 9.67 18.80
N ASN A 244 -4.09 9.74 18.25
CA ASN A 244 -5.26 10.30 18.95
C ASN A 244 -6.40 9.27 19.04
N TYR A 245 -6.25 8.30 19.93
CA TYR A 245 -7.12 7.11 19.97
C TYR A 245 -8.04 7.11 21.21
N GLY A 246 -8.52 8.29 21.57
CA GLY A 246 -9.31 8.44 22.79
C GLY A 246 -10.77 8.09 22.65
N ASP A 247 -11.28 8.16 21.41
CA ASP A 247 -12.63 7.68 21.11
C ASP A 247 -12.82 6.23 21.54
N GLY A 248 -11.72 5.49 21.55
CA GLY A 248 -11.80 4.03 21.59
C GLY A 248 -10.53 3.40 22.12
N VAL A 249 -9.95 2.51 21.34
CA VAL A 249 -8.82 1.69 21.81
C VAL A 249 -7.62 1.81 20.85
N SER A 250 -6.43 1.94 21.43
CA SER A 250 -5.19 2.12 20.66
C SER A 250 -4.82 0.85 19.91
N PRO A 251 -4.34 1.00 18.66
CA PRO A 251 -3.85 -0.17 17.92
C PRO A 251 -2.79 -0.98 18.68
N MET A 252 -1.95 -0.30 19.46
CA MET A 252 -0.81 -0.92 20.16
C MET A 252 -1.22 -1.70 21.42
N SER A 253 -2.49 -1.59 21.80
CA SER A 253 -3.01 -2.21 23.01
C SER A 253 -3.38 -3.69 22.81
N TRP A 254 -4.24 -3.95 21.82
CA TRP A 254 -4.63 -5.31 21.44
C TRP A 254 -3.49 -6.36 21.56
N ILE A 255 -3.82 -7.53 22.12
CA ILE A 255 -2.92 -8.71 22.06
C ILE A 255 -3.62 -9.88 21.39
N GLY A 256 -4.71 -9.60 20.70
CA GLY A 256 -5.49 -10.64 20.04
C GLY A 256 -6.62 -10.10 19.19
N SER A 257 -7.20 -11.00 18.38
CA SER A 257 -8.26 -10.64 17.44
C SER A 257 -9.66 -10.86 17.99
N VAL A 258 -9.74 -11.52 19.13
CA VAL A 258 -10.99 -12.04 19.64
C VAL A 258 -11.86 -10.93 20.19
N ASP A 259 -11.27 -10.07 21.03
CA ASP A 259 -12.00 -9.04 21.68
C ASP A 259 -12.58 -8.04 20.70
N ILE A 260 -11.83 -7.79 19.63
CA ILE A 260 -12.23 -6.90 18.55
C ILE A 260 -13.47 -7.47 17.83
N LEU A 261 -13.37 -8.75 17.48
CA LEU A 261 -14.44 -9.44 16.80
C LEU A 261 -15.70 -9.42 17.65
N ARG A 262 -15.56 -9.66 18.96
CA ARG A 262 -16.70 -9.69 19.86
C ARG A 262 -17.29 -8.30 20.06
N ARG A 263 -16.42 -7.30 20.14
CA ARG A 263 -16.89 -5.92 20.18
C ARG A 263 -17.72 -5.62 18.94
N TRP A 264 -17.13 -5.86 17.79
CA TRP A 264 -17.80 -5.64 16.50
C TRP A 264 -19.21 -6.22 16.46
N LYS A 265 -19.35 -7.50 16.78
CA LYS A 265 -20.65 -8.16 16.81
C LYS A 265 -21.65 -7.44 17.70
N ASN A 266 -21.19 -7.05 18.88
CA ASN A 266 -22.09 -6.56 19.92
C ASN A 266 -22.60 -5.15 19.67
N HIS A 267 -21.96 -4.46 18.73
CA HIS A 267 -22.35 -3.09 18.43
C HIS A 267 -22.89 -2.97 17.02
N GLY A 268 -23.82 -3.88 16.68
CA GLY A 268 -24.51 -3.87 15.40
C GLY A 268 -23.57 -3.92 14.22
N CYS A 269 -22.55 -4.77 14.32
CA CYS A 269 -21.56 -4.87 13.25
C CYS A 269 -21.02 -3.49 12.84
N GLN A 270 -20.73 -2.64 13.84
CA GLN A 270 -20.15 -1.35 13.57
C GLN A 270 -18.65 -1.41 13.81
N ARG A 271 -17.90 -0.80 12.89
CA ARG A 271 -16.45 -0.74 12.97
C ARG A 271 -16.00 -0.41 14.38
N VAL A 272 -14.94 -1.09 14.79
CA VAL A 272 -14.30 -0.90 16.09
C VAL A 272 -13.11 0.04 15.88
N LYS A 273 -12.99 1.02 16.77
CA LYS A 273 -11.90 1.97 16.73
C LYS A 273 -10.84 1.50 17.71
N TYR A 274 -9.56 1.39 17.29
CA TYR A 274 -9.08 1.72 15.96
C TYR A 274 -8.11 0.63 15.56
N GLY A 275 -7.90 0.49 14.26
CA GLY A 275 -6.86 -0.39 13.74
C GLY A 275 -5.65 0.35 13.16
N GLN A 276 -4.59 -0.42 12.93
CA GLN A 276 -3.48 -0.03 12.05
C GLN A 276 -3.13 -1.27 11.27
N CYS A 277 -2.20 -1.16 10.34
CA CYS A 277 -2.06 -2.25 9.39
C CYS A 277 -2.04 -3.61 10.06
N TRP A 278 -1.22 -3.78 11.11
CA TRP A 278 -1.04 -5.13 11.69
C TRP A 278 -2.29 -5.58 12.45
N VAL A 279 -3.13 -4.64 12.89
CA VAL A 279 -4.39 -5.04 13.54
C VAL A 279 -5.37 -5.56 12.49
N PHE A 280 -5.47 -4.89 11.35
CA PHE A 280 -6.31 -5.43 10.26
C PHE A 280 -5.87 -6.81 9.83
N ALA A 281 -4.56 -6.97 9.64
CA ALA A 281 -3.98 -8.20 9.17
C ALA A 281 -4.24 -9.31 10.15
N ALA A 282 -4.09 -8.98 11.42
CA ALA A 282 -4.25 -9.94 12.52
C ALA A 282 -5.70 -10.46 12.57
N VAL A 283 -6.66 -9.55 12.45
CA VAL A 283 -8.06 -9.95 12.42
C VAL A 283 -8.41 -10.75 11.16
N ALA A 284 -7.85 -10.38 10.01
CA ALA A 284 -8.00 -11.15 8.78
C ALA A 284 -7.49 -12.56 8.96
N CYS A 285 -6.36 -12.73 9.63
CA CYS A 285 -5.84 -14.06 9.88
C CYS A 285 -6.77 -14.91 10.73
N THR A 286 -7.31 -14.32 11.79
CA THR A 286 -8.30 -15.00 12.63
C THR A 286 -9.50 -15.49 11.80
N VAL A 287 -10.13 -14.57 11.07
CA VAL A 287 -11.29 -14.89 10.24
C VAL A 287 -10.98 -16.04 9.31
N LEU A 288 -9.89 -15.94 8.56
CA LEU A 288 -9.65 -16.90 7.48
C LEU A 288 -9.20 -18.24 8.01
N ARG A 289 -8.38 -18.23 9.05
CA ARG A 289 -8.02 -19.46 9.75
C ARG A 289 -9.29 -20.17 10.35
N CYS A 290 -10.21 -19.39 10.91
CA CYS A 290 -11.45 -19.95 11.43
C CYS A 290 -12.18 -20.77 10.33
N LEU A 291 -12.28 -20.18 9.14
CA LEU A 291 -13.04 -20.76 8.08
C LEU A 291 -12.32 -21.86 7.40
N GLY A 292 -11.04 -22.07 7.75
CA GLY A 292 -10.28 -23.18 7.23
C GLY A 292 -9.27 -22.87 6.14
N ILE A 293 -9.13 -21.59 5.79
CA ILE A 293 -8.17 -21.20 4.74
C ILE A 293 -6.79 -20.98 5.39
N PRO A 294 -5.77 -21.78 5.03
CA PRO A 294 -4.45 -21.60 5.63
C PRO A 294 -3.97 -20.15 5.39
N THR A 295 -3.62 -19.46 6.47
CA THR A 295 -3.31 -18.01 6.45
C THR A 295 -2.18 -17.66 7.42
N ARG A 296 -1.35 -16.69 7.03
CA ARG A 296 -0.22 -16.25 7.86
C ARG A 296 -0.04 -14.72 7.70
N VAL A 297 0.25 -14.05 8.80
CA VAL A 297 0.50 -12.61 8.80
C VAL A 297 1.95 -12.35 8.43
N VAL A 298 2.14 -11.38 7.55
CA VAL A 298 3.45 -11.03 7.01
C VAL A 298 3.68 -9.54 7.21
N THR A 299 4.94 -9.19 7.48
CA THR A 299 5.37 -7.83 7.68
C THR A 299 6.47 -7.51 6.67
N ASN A 300 6.35 -6.37 6.01
CA ASN A 300 7.37 -5.84 5.13
C ASN A 300 7.93 -4.61 5.81
N TYR A 301 9.24 -4.43 5.68
CA TYR A 301 9.89 -3.23 6.20
C TYR A 301 10.39 -2.32 5.11
N ASN A 302 10.28 -1.02 5.34
CA ASN A 302 10.83 0.00 4.44
C ASN A 302 11.78 0.93 5.20
N SER A 303 12.76 1.49 4.50
CA SER A 303 13.80 2.29 5.16
C SER A 303 14.15 3.55 4.39
N ALA A 304 14.32 4.66 5.15
CA ALA A 304 14.76 5.95 4.62
C ALA A 304 16.24 6.16 4.89
N HIS A 305 16.81 7.15 4.20
CA HIS A 305 18.14 7.62 4.56
C HIS A 305 18.12 9.10 4.26
N ASP A 306 18.39 9.89 5.30
CA ASP A 306 18.05 11.31 5.32
C ASP A 306 19.23 12.18 4.92
N SER A 309 18.13 16.29 2.91
CA SER A 309 16.96 17.16 2.83
C SER A 309 15.76 16.59 2.05
N ASN A 310 15.86 15.33 1.60
CA ASN A 310 15.05 14.80 0.49
C ASN A 310 13.60 15.30 0.35
N LEU A 311 13.27 15.78 -0.85
CA LEU A 311 11.88 16.04 -1.25
C LEU A 311 10.98 14.83 -1.05
N LEU A 312 11.51 13.64 -1.32
CA LEU A 312 10.72 12.41 -1.27
C LEU A 312 10.23 12.14 0.15
N ILE A 313 11.13 12.30 1.11
CA ILE A 313 10.80 12.04 2.52
C ILE A 313 9.96 13.18 3.10
N GLU A 314 10.09 14.38 2.56
CA GLU A 314 9.23 15.50 2.95
C GLU A 314 7.78 15.27 2.52
N TYR A 315 7.61 15.04 1.22
CA TYR A 315 6.32 14.67 0.60
C TYR A 315 5.51 13.72 1.49
N PHE A 316 6.17 12.69 2.00
CA PHE A 316 5.51 11.69 2.82
C PHE A 316 5.33 12.18 4.26
N ARG A 317 6.38 12.71 4.86
CA ARG A 317 6.32 13.17 6.25
C ARG A 317 5.17 14.15 6.44
N ASN A 318 5.19 15.22 5.65
CA ASN A 318 4.24 16.32 5.81
C ASN A 318 3.77 16.85 4.45
N SER A 328 -4.22 7.12 2.13
CA SER A 328 -3.31 6.42 3.03
C SER A 328 -2.42 5.35 2.38
N GLU A 329 -2.22 5.44 1.06
CA GLU A 329 -1.08 4.76 0.41
C GLU A 329 0.17 5.63 0.58
N MET A 330 0.68 5.58 1.79
CA MET A 330 2.00 6.04 2.11
C MET A 330 2.95 4.86 1.95
N ILE A 331 4.22 5.12 2.22
CA ILE A 331 5.20 4.10 2.40
C ILE A 331 5.62 4.23 3.87
N TRP A 332 5.38 3.19 4.67
CA TRP A 332 5.58 3.21 6.13
C TRP A 332 6.86 2.53 6.56
N ASN A 333 7.27 2.76 7.82
CA ASN A 333 8.40 2.04 8.41
C ASN A 333 8.22 0.50 8.32
N PHE A 334 7.02 0.03 8.63
CA PHE A 334 6.61 -1.34 8.26
C PHE A 334 5.16 -1.39 7.84
N HIS A 335 4.81 -2.43 7.09
CA HIS A 335 3.44 -2.66 6.69
C HIS A 335 3.12 -4.16 6.72
N CYS A 336 1.89 -4.50 7.12
CA CYS A 336 1.49 -5.89 7.37
C CYS A 336 0.32 -6.26 6.50
N TRP A 337 0.30 -7.49 6.04
CA TRP A 337 -0.87 -8.02 5.36
C TRP A 337 -0.94 -9.50 5.68
N VAL A 338 -1.81 -10.23 5.00
CA VAL A 338 -1.81 -11.69 5.14
C VAL A 338 -1.59 -12.37 3.80
N GLU A 339 -1.15 -13.62 3.87
CA GLU A 339 -1.10 -14.50 2.75
C GLU A 339 -2.01 -15.70 3.08
N SER A 340 -2.77 -16.17 2.09
CA SER A 340 -3.63 -17.39 2.21
C SER A 340 -3.30 -18.41 1.09
N TRP A 341 -3.39 -19.70 1.42
CA TRP A 341 -2.97 -20.77 0.51
C TRP A 341 -4.14 -21.36 -0.28
N MET A 342 -4.06 -21.38 -1.60
CA MET A 342 -5.15 -21.95 -2.41
C MET A 342 -4.73 -22.06 -3.85
N THR A 343 -5.44 -22.92 -4.60
CA THR A 343 -5.29 -22.99 -6.05
C THR A 343 -5.97 -21.80 -6.70
N ARG A 344 -5.70 -21.57 -7.97
CA ARG A 344 -6.24 -20.40 -8.68
C ARG A 344 -6.74 -20.80 -10.04
N PRO A 345 -7.79 -21.67 -10.10
CA PRO A 345 -8.37 -22.10 -11.37
C PRO A 345 -9.00 -20.95 -12.14
N ASP A 346 -9.21 -19.82 -11.48
CA ASP A 346 -9.71 -18.60 -12.14
C ASP A 346 -8.60 -17.82 -12.89
N LEU A 347 -7.34 -18.22 -12.70
CA LEU A 347 -6.22 -17.57 -13.38
C LEU A 347 -5.56 -18.56 -14.32
N GLN A 348 -4.55 -18.07 -15.04
CA GLN A 348 -3.75 -18.93 -15.87
C GLN A 348 -3.02 -19.94 -14.98
N PRO A 349 -2.68 -21.10 -15.54
CA PRO A 349 -2.01 -22.17 -14.82
C PRO A 349 -0.74 -21.72 -14.10
N GLY A 350 -0.52 -22.24 -12.91
CA GLY A 350 0.74 -22.08 -12.19
C GLY A 350 0.73 -21.02 -11.10
N TYR A 351 -0.44 -20.47 -10.79
CA TYR A 351 -0.55 -19.45 -9.75
C TYR A 351 -1.14 -19.92 -8.42
N GLU A 352 -1.30 -21.23 -8.27
CA GLU A 352 -1.66 -21.80 -6.97
C GLU A 352 -0.62 -21.51 -5.90
N GLY A 353 -1.09 -21.39 -4.66
CA GLY A 353 -0.19 -21.34 -3.51
C GLY A 353 -0.51 -20.14 -2.67
N TRP A 354 0.52 -19.36 -2.30
CA TRP A 354 0.27 -18.20 -1.45
C TRP A 354 -0.30 -17.05 -2.26
N GLN A 355 -1.35 -16.44 -1.69
CA GLN A 355 -2.04 -15.31 -2.25
C GLN A 355 -2.04 -14.20 -1.24
N ALA A 356 -1.55 -13.02 -1.66
CA ALA A 356 -1.57 -11.82 -0.82
C ALA A 356 -2.95 -11.20 -0.69
N LEU A 357 -3.33 -10.90 0.55
CA LEU A 357 -4.56 -10.19 0.84
C LEU A 357 -4.24 -9.03 1.77
N ASP A 358 -4.58 -7.81 1.37
CA ASP A 358 -4.24 -6.62 2.16
C ASP A 358 -5.50 -5.88 2.63
N PRO A 359 -5.92 -6.07 3.91
CA PRO A 359 -7.16 -5.50 4.51
C PRO A 359 -7.07 -4.06 5.03
N THR A 360 -5.99 -3.37 4.68
CA THR A 360 -5.79 -1.99 5.09
C THR A 360 -6.69 -1.11 4.20
N PRO A 361 -7.29 -0.05 4.78
CA PRO A 361 -8.47 0.72 4.33
C PRO A 361 -8.85 0.85 2.84
N GLN A 362 -8.10 1.68 2.10
CA GLN A 362 -8.64 2.33 0.90
C GLN A 362 -8.90 1.38 -0.28
N GLU A 363 -10.17 0.95 -0.42
CA GLU A 363 -10.69 0.34 -1.67
C GLU A 363 -11.16 1.50 -2.56
N LYS A 364 -10.47 1.70 -3.69
CA LYS A 364 -10.28 3.03 -4.27
C LYS A 364 -10.30 3.07 -5.81
N SER A 365 -9.64 2.10 -6.44
CA SER A 365 -9.55 2.04 -7.91
C SER A 365 -10.90 1.53 -8.46
N GLU A 366 -11.21 0.28 -8.14
CA GLU A 366 -12.43 -0.35 -8.61
C GLU A 366 -12.71 -1.58 -7.75
N GLY A 367 -13.97 -2.00 -7.75
CA GLY A 367 -14.33 -3.24 -7.12
C GLY A 367 -14.87 -3.04 -5.73
N THR A 368 -15.44 -4.12 -5.21
CA THR A 368 -16.12 -4.14 -3.93
C THR A 368 -15.09 -4.13 -2.80
N TYR A 369 -13.93 -4.72 -3.08
CA TYR A 369 -12.95 -4.94 -2.05
C TYR A 369 -11.54 -4.66 -2.54
N CYS A 370 -10.65 -4.42 -1.59
CA CYS A 370 -9.22 -4.37 -1.85
C CYS A 370 -8.49 -4.87 -0.59
N CYS A 371 -7.32 -5.45 -0.73
CA CYS A 371 -6.67 -5.75 -1.99
C CYS A 371 -6.33 -7.20 -2.02
N GLY A 372 -6.65 -7.86 -3.13
CA GLY A 372 -6.33 -9.28 -3.31
C GLY A 372 -7.58 -10.19 -3.29
N PRO A 373 -7.39 -11.51 -3.41
CA PRO A 373 -6.12 -12.19 -3.36
C PRO A 373 -5.36 -12.09 -4.70
N VAL A 374 -4.04 -11.92 -4.61
CA VAL A 374 -3.16 -11.85 -5.77
C VAL A 374 -2.03 -12.83 -5.51
N PRO A 375 -1.73 -13.68 -6.49
CA PRO A 375 -0.66 -14.62 -6.22
C PRO A 375 0.66 -13.90 -5.87
N VAL A 376 1.37 -14.38 -4.86
CA VAL A 376 2.68 -13.84 -4.53
C VAL A 376 3.62 -13.91 -5.75
N ARG A 377 3.59 -15.04 -6.48
CA ARG A 377 4.38 -15.20 -7.69
C ARG A 377 4.11 -14.15 -8.77
N ALA A 378 2.88 -13.67 -8.88
CA ALA A 378 2.55 -12.63 -9.83
C ALA A 378 3.24 -11.33 -9.45
N ILE A 379 3.30 -11.06 -8.14
CA ILE A 379 4.03 -9.91 -7.61
C ILE A 379 5.55 -10.02 -7.93
N LYS A 380 6.16 -11.14 -7.55
CA LYS A 380 7.56 -11.36 -7.83
C LYS A 380 7.87 -11.21 -9.32
N GLU A 381 6.96 -11.66 -10.14
CA GLU A 381 7.14 -11.74 -11.59
C GLU A 381 6.74 -10.45 -12.29
N GLY A 382 6.19 -9.50 -11.55
CA GLY A 382 5.69 -8.25 -12.12
C GLY A 382 4.54 -8.43 -13.10
N ASP A 383 3.80 -9.54 -12.98
CA ASP A 383 2.67 -9.84 -13.82
C ASP A 383 1.42 -9.14 -13.26
N LEU A 384 1.33 -7.84 -13.47
CA LEU A 384 0.40 -6.99 -12.70
C LEU A 384 -1.05 -6.95 -13.24
N SER A 385 -1.32 -7.71 -14.29
CA SER A 385 -2.67 -7.81 -14.86
C SER A 385 -3.49 -8.91 -14.18
N THR A 386 -2.86 -9.66 -13.29
CA THR A 386 -3.46 -10.79 -12.61
C THR A 386 -4.37 -10.35 -11.46
N LYS A 387 -5.60 -10.85 -11.43
CA LYS A 387 -6.55 -10.46 -10.40
C LYS A 387 -6.15 -11.13 -9.10
N TYR A 388 -6.35 -10.47 -7.95
CA TYR A 388 -7.01 -9.13 -7.83
C TYR A 388 -6.00 -8.09 -7.30
N ASP A 389 -6.06 -6.86 -7.84
CA ASP A 389 -5.39 -5.70 -7.22
C ASP A 389 -3.85 -5.83 -7.13
N ALA A 390 -3.26 -6.45 -8.16
CA ALA A 390 -1.83 -6.73 -8.15
C ALA A 390 -0.93 -5.46 -8.03
N PRO A 391 -1.29 -4.36 -8.70
CA PRO A 391 -0.47 -3.13 -8.54
C PRO A 391 -0.35 -2.64 -7.09
N PHE A 392 -1.41 -2.82 -6.31
CA PHE A 392 -1.42 -2.34 -4.93
C PHE A 392 -0.46 -3.12 -4.06
N VAL A 393 -0.36 -4.43 -4.28
CA VAL A 393 0.58 -5.24 -3.52
C VAL A 393 2.03 -5.09 -4.04
N PHE A 394 2.20 -5.04 -5.36
CA PHE A 394 3.49 -4.72 -5.98
C PHE A 394 4.11 -3.45 -5.39
N ALA A 395 3.29 -2.39 -5.28
CA ALA A 395 3.72 -1.10 -4.74
C ALA A 395 4.16 -1.14 -3.29
N GLU A 396 3.69 -2.09 -2.51
CA GLU A 396 4.12 -2.19 -1.10
C GLU A 396 5.53 -2.77 -0.97
N VAL A 397 5.96 -3.57 -1.96
CA VAL A 397 7.30 -4.20 -1.89
C VAL A 397 8.26 -3.70 -3.00
N ASN A 398 7.81 -2.74 -3.81
CA ASN A 398 8.65 -2.13 -4.82
C ASN A 398 8.48 -0.61 -4.86
N ALA A 399 9.58 0.09 -5.12
CA ALA A 399 9.54 1.52 -5.37
C ALA A 399 10.79 1.84 -6.18
N ASP A 400 10.60 2.54 -7.29
CA ASP A 400 11.70 2.88 -8.20
C ASP A 400 11.87 4.40 -8.16
N VAL A 401 13.03 4.85 -7.67
CA VAL A 401 13.32 6.27 -7.45
C VAL A 401 14.61 6.68 -8.15
N VAL A 402 14.50 7.71 -9.00
CA VAL A 402 15.58 8.14 -9.89
C VAL A 402 15.81 9.66 -9.79
N ASP A 403 17.08 10.07 -9.64
CA ASP A 403 17.46 11.49 -9.63
C ASP A 403 17.98 11.97 -10.97
N TRP A 404 17.59 13.19 -11.34
CA TRP A 404 18.24 13.91 -12.40
C TRP A 404 18.82 15.14 -11.75
N ILE A 405 20.15 15.15 -11.56
CA ILE A 405 20.88 16.37 -11.14
C ILE A 405 21.62 16.99 -12.32
N GLN A 406 22.15 16.14 -13.21
CA GLN A 406 22.60 16.54 -14.56
C GLN A 406 23.55 17.75 -14.58
N LYS A 414 20.32 11.48 -14.72
CA LYS A 414 19.98 10.06 -14.57
C LYS A 414 20.80 9.38 -13.45
N SER A 415 20.13 8.99 -12.36
CA SER A 415 20.82 8.35 -11.24
C SER A 415 19.85 7.74 -10.23
N ILE A 416 20.12 6.49 -9.85
CA ILE A 416 19.30 5.77 -8.86
C ILE A 416 19.44 6.36 -7.47
N ASN A 417 18.32 6.68 -6.84
CA ASN A 417 18.30 7.37 -5.54
C ASN A 417 17.89 6.40 -4.44
N ARG A 418 18.76 6.14 -3.49
CA ARG A 418 18.44 5.19 -2.41
C ARG A 418 18.12 5.89 -1.08
N SER A 419 17.55 7.11 -1.17
CA SER A 419 16.90 7.73 -0.01
C SER A 419 15.72 6.89 0.53
N LEU A 420 15.13 6.06 -0.32
CA LEU A 420 14.03 5.21 0.08
C LEU A 420 14.26 3.81 -0.45
N ILE A 421 14.31 2.82 0.45
CA ILE A 421 14.36 1.41 0.07
C ILE A 421 13.13 0.71 0.62
N VAL A 422 12.34 0.18 -0.30
CA VAL A 422 11.12 -0.52 0.07
C VAL A 422 11.29 -2.00 -0.24
N GLY A 423 10.72 -2.85 0.62
CA GLY A 423 10.74 -4.29 0.40
C GLY A 423 11.91 -4.97 1.06
N LEU A 424 12.07 -4.76 2.36
CA LEU A 424 13.15 -5.39 3.14
C LEU A 424 12.64 -6.37 4.19
N LYS A 425 13.35 -7.47 4.39
CA LYS A 425 13.21 -8.31 5.56
C LYS A 425 11.72 -8.67 5.75
N ILE A 426 11.11 -9.11 4.65
CA ILE A 426 9.73 -9.57 4.66
C ILE A 426 9.68 -10.85 5.49
N SER A 427 8.79 -10.84 6.51
CA SER A 427 8.91 -11.73 7.65
C SER A 427 7.56 -12.33 8.02
N THR A 428 7.62 -13.58 8.46
CA THR A 428 6.45 -14.31 8.99
C THR A 428 6.94 -15.37 10.00
N LYS A 429 6.07 -15.80 10.90
CA LYS A 429 6.44 -16.80 11.89
C LYS A 429 6.80 -18.09 11.18
N SER A 430 7.87 -18.74 11.64
CA SER A 430 8.25 -20.05 11.18
C SER A 430 7.24 -21.14 11.59
N VAL A 431 7.15 -22.18 10.78
CA VAL A 431 6.27 -23.32 11.02
C VAL A 431 6.69 -24.15 12.22
N GLY A 432 5.82 -24.20 13.23
CA GLY A 432 6.02 -25.02 14.40
C GLY A 432 7.09 -24.53 15.36
N ARG A 433 7.56 -23.31 15.13
CA ARG A 433 8.65 -22.75 15.94
C ARG A 433 8.40 -21.27 16.23
N ASP A 434 8.89 -20.82 17.39
CA ASP A 434 8.84 -19.40 17.72
C ASP A 434 10.06 -18.72 17.12
N GLU A 435 10.13 -18.69 15.80
CA GLU A 435 11.25 -18.09 15.10
C GLU A 435 10.67 -17.36 13.89
N ARG A 436 11.46 -16.45 13.30
CA ARG A 436 11.03 -15.58 12.18
C ARG A 436 11.56 -16.23 10.91
N GLU A 437 10.74 -16.32 9.89
CA GLU A 437 11.15 -16.80 8.59
C GLU A 437 11.19 -15.60 7.66
N ASP A 438 12.30 -15.42 6.97
CA ASP A 438 12.41 -14.35 5.98
C ASP A 438 11.90 -14.87 4.64
N ILE A 439 10.86 -14.22 4.14
CA ILE A 439 10.25 -14.63 2.87
C ILE A 439 10.46 -13.54 1.80
N THR A 440 11.48 -12.72 1.93
CA THR A 440 11.66 -11.62 0.99
C THR A 440 11.80 -12.17 -0.42
N HIS A 441 12.51 -13.30 -0.49
CA HIS A 441 12.74 -13.98 -1.75
C HIS A 441 11.50 -14.37 -2.51
N THR A 442 10.37 -14.54 -1.80
CA THR A 442 9.10 -14.90 -2.41
C THR A 442 8.46 -13.72 -3.15
N TYR A 443 8.77 -12.51 -2.71
CA TYR A 443 8.24 -11.30 -3.34
C TYR A 443 9.16 -10.62 -4.36
N LYS A 444 10.47 -10.85 -4.23
CA LYS A 444 11.47 -10.05 -4.94
C LYS A 444 12.68 -10.89 -5.34
N TYR A 445 12.99 -10.91 -6.64
CA TYR A 445 14.26 -11.45 -7.12
C TYR A 445 15.38 -10.55 -6.60
N PRO A 446 16.61 -11.11 -6.48
CA PRO A 446 17.73 -10.31 -6.01
C PRO A 446 18.01 -9.09 -6.89
N GLU A 447 18.39 -7.99 -6.23
CA GLU A 447 18.64 -6.73 -6.89
C GLU A 447 19.78 -6.90 -7.90
N GLY A 448 19.52 -6.48 -9.13
CA GLY A 448 20.49 -6.58 -10.20
C GLY A 448 20.45 -7.84 -11.04
N SER A 449 19.65 -8.82 -10.63
CA SER A 449 19.54 -10.05 -11.39
C SER A 449 18.66 -9.84 -12.60
N SER A 450 18.94 -10.63 -13.64
CA SER A 450 18.16 -10.65 -14.87
C SER A 450 16.69 -10.93 -14.64
N GLU A 451 16.37 -11.76 -13.63
CA GLU A 451 14.99 -12.05 -13.29
C GLU A 451 14.30 -10.83 -12.70
N GLU A 452 15.05 -10.09 -11.87
CA GLU A 452 14.55 -8.84 -11.28
C GLU A 452 14.23 -7.84 -12.37
N ARG A 453 15.16 -7.68 -13.30
CA ARG A 453 15.03 -6.66 -14.33
C ARG A 453 13.92 -7.03 -15.30
N GLU A 454 13.80 -8.31 -15.59
CA GLU A 454 12.74 -8.80 -16.48
C GLU A 454 11.34 -8.62 -15.85
N ALA A 455 11.24 -8.80 -14.54
CA ALA A 455 10.00 -8.56 -13.82
C ALA A 455 9.67 -7.07 -13.80
N PHE A 456 10.70 -6.25 -13.61
CA PHE A 456 10.55 -4.79 -13.57
C PHE A 456 10.03 -4.29 -14.94
N THR A 457 10.48 -4.94 -16.01
CA THR A 457 10.01 -4.66 -17.36
C THR A 457 8.54 -5.03 -17.59
N ARG A 458 8.12 -6.18 -17.06
CA ARG A 458 6.73 -6.61 -17.22
C ARG A 458 5.76 -5.70 -16.45
N ALA A 459 6.22 -5.19 -15.31
CA ALA A 459 5.43 -4.33 -14.42
C ALA A 459 5.17 -2.89 -14.91
N ASN A 460 6.03 -2.35 -15.76
CA ASN A 460 5.77 -1.02 -16.36
C ASN A 460 5.76 -1.02 -17.89
N HIS A 461 5.73 -2.22 -18.47
CA HIS A 461 5.63 -2.39 -19.92
C HIS A 461 6.83 -1.77 -20.65
N GLY A 472 11.72 5.98 -20.99
CA GLY A 472 11.42 7.15 -21.82
C GLY A 472 11.05 8.42 -21.06
N MET A 473 10.49 8.29 -19.85
CA MET A 473 10.11 9.47 -19.06
C MET A 473 11.32 10.22 -18.47
N ALA A 474 11.32 11.55 -18.52
CA ALA A 474 12.42 12.36 -17.95
C ALA A 474 11.96 13.72 -17.41
N MET A 475 12.70 14.26 -16.45
CA MET A 475 12.37 15.55 -15.85
C MET A 475 13.64 16.35 -15.53
N ARG A 476 13.58 17.65 -15.80
CA ARG A 476 14.64 18.58 -15.40
C ARG A 476 14.05 19.96 -15.15
N ILE A 477 14.80 20.78 -14.43
CA ILE A 477 14.41 22.13 -14.11
C ILE A 477 14.93 23.04 -15.23
N ARG A 478 14.03 23.80 -15.84
CA ARG A 478 14.35 24.78 -16.87
C ARG A 478 14.06 26.18 -16.33
N VAL A 479 14.68 27.19 -16.95
CA VAL A 479 14.40 28.61 -16.64
C VAL A 479 14.09 29.41 -17.91
N GLY A 480 14.97 29.32 -18.91
CA GLY A 480 14.72 29.91 -20.23
C GLY A 480 15.13 31.36 -20.44
N GLN A 481 15.50 32.07 -19.37
CA GLN A 481 16.09 33.41 -19.51
C GLN A 481 17.01 33.75 -18.34
N SER A 482 17.59 34.96 -18.35
CA SER A 482 18.50 35.39 -17.27
C SER A 482 17.72 35.56 -15.96
N MET A 483 18.40 35.29 -14.85
CA MET A 483 17.79 35.42 -13.53
C MET A 483 18.53 36.47 -12.75
N ASN A 484 17.78 37.47 -12.32
CA ASN A 484 18.36 38.70 -11.79
C ASN A 484 17.90 38.95 -10.38
N MET A 485 18.82 39.39 -9.54
CA MET A 485 18.48 39.76 -8.18
C MET A 485 17.53 40.94 -8.26
N GLY A 486 16.32 40.76 -7.70
CA GLY A 486 15.31 41.80 -7.72
C GLY A 486 14.14 41.51 -8.63
N SER A 487 14.28 40.52 -9.50
CA SER A 487 13.23 40.19 -10.46
C SER A 487 12.33 39.04 -9.97
N ASP A 488 11.09 39.04 -10.48
CA ASP A 488 10.17 37.90 -10.40
C ASP A 488 10.41 37.08 -11.65
N PHE A 489 10.50 35.75 -11.52
CA PHE A 489 10.74 34.91 -12.68
C PHE A 489 10.10 33.54 -12.47
N ASP A 490 9.82 32.87 -13.58
CA ASP A 490 9.30 31.51 -13.54
C ASP A 490 10.43 30.50 -13.67
N VAL A 491 10.32 29.41 -12.92
CA VAL A 491 11.10 28.20 -13.13
C VAL A 491 10.13 27.12 -13.62
N PHE A 492 10.65 26.08 -14.28
CA PHE A 492 9.78 25.07 -14.88
C PHE A 492 10.24 23.66 -14.58
N ALA A 493 9.31 22.78 -14.23
CA ALA A 493 9.57 21.35 -14.27
C ALA A 493 9.31 20.97 -15.70
N HIS A 494 10.36 20.64 -16.43
CA HIS A 494 10.21 20.25 -17.82
C HIS A 494 10.14 18.72 -17.89
N ILE A 495 8.92 18.21 -18.05
CA ILE A 495 8.69 16.77 -18.03
C ILE A 495 8.51 16.28 -19.46
N THR A 496 9.27 15.25 -19.81
CA THR A 496 9.19 14.62 -21.13
C THR A 496 8.69 13.21 -20.96
N ASN A 497 7.67 12.85 -21.74
CA ASN A 497 7.18 11.48 -21.82
C ASN A 497 7.42 10.96 -23.22
N ASN A 498 8.51 10.21 -23.39
CA ASN A 498 8.84 9.63 -24.69
C ASN A 498 8.31 8.20 -24.87
N THR A 499 7.31 7.81 -24.08
CA THR A 499 6.71 6.47 -24.21
C THR A 499 5.34 6.55 -24.87
N ALA A 500 4.80 5.36 -25.16
CA ALA A 500 3.51 5.24 -25.82
C ALA A 500 2.33 5.28 -24.85
N GLU A 501 2.62 5.36 -23.55
CA GLU A 501 1.59 5.27 -22.52
C GLU A 501 1.28 6.61 -21.86
N GLU A 502 0.02 6.76 -21.46
CA GLU A 502 -0.43 7.88 -20.65
C GLU A 502 0.01 7.66 -19.22
N TYR A 503 0.28 8.77 -18.52
CA TYR A 503 0.67 8.73 -17.11
C TYR A 503 -0.14 9.73 -16.33
N VAL A 504 -0.60 9.33 -15.15
CA VAL A 504 -1.22 10.29 -14.23
C VAL A 504 -0.32 10.35 -13.03
N CYS A 505 0.17 11.55 -12.75
CA CYS A 505 1.17 11.75 -11.72
C CYS A 505 0.78 12.85 -10.79
N ARG A 506 1.42 12.79 -9.64
CA ARG A 506 1.38 13.85 -8.67
C ARG A 506 2.71 14.57 -8.86
N LEU A 507 2.67 15.89 -8.78
CA LEU A 507 3.91 16.69 -8.92
C LEU A 507 4.04 17.63 -7.73
N LEU A 508 5.24 17.65 -7.14
CA LEU A 508 5.59 18.62 -6.15
C LEU A 508 6.74 19.40 -6.77
N LEU A 509 6.58 20.71 -6.89
CA LEU A 509 7.58 21.62 -7.42
C LEU A 509 7.72 22.75 -6.44
N CYS A 510 8.92 22.94 -5.87
CA CYS A 510 9.14 24.03 -4.93
C CYS A 510 10.55 24.59 -4.98
N ALA A 511 10.70 25.77 -4.38
CA ALA A 511 11.97 26.48 -4.32
C ALA A 511 12.25 26.91 -2.88
N ARG A 512 13.51 26.80 -2.48
CA ARG A 512 14.00 27.28 -1.19
C ARG A 512 15.35 27.94 -1.43
N THR A 513 15.65 28.94 -0.61
CA THR A 513 16.97 29.56 -0.65
C THR A 513 17.98 28.56 -0.16
N VAL A 514 19.24 28.74 -0.58
CA VAL A 514 20.32 27.88 -0.12
C VAL A 514 21.63 28.68 0.02
N SER A 515 22.41 28.35 1.04
CA SER A 515 23.73 28.96 1.27
C SER A 515 24.77 28.33 0.37
N TYR A 516 25.91 29.01 0.23
CA TYR A 516 27.04 28.45 -0.54
C TYR A 516 27.52 27.12 0.04
N ASN A 517 27.44 26.94 1.35
CA ASN A 517 27.80 25.68 2.00
C ASN A 517 26.65 24.65 2.08
N GLY A 518 25.55 24.89 1.37
CA GLY A 518 24.52 23.87 1.18
C GLY A 518 23.40 23.84 2.22
N ILE A 519 23.25 24.93 2.97
CA ILE A 519 22.19 25.04 3.98
C ILE A 519 20.89 25.56 3.34
N LEU A 520 19.85 24.73 3.37
CA LEU A 520 18.53 25.12 2.88
C LEU A 520 17.82 26.08 3.82
N GLY A 521 17.44 27.24 3.31
CA GLY A 521 16.65 28.23 4.05
C GLY A 521 15.17 28.07 3.76
N PRO A 522 14.35 29.06 4.13
CA PRO A 522 12.91 29.01 3.92
C PRO A 522 12.41 28.95 2.46
N GLU A 523 11.23 28.36 2.30
CA GLU A 523 10.52 28.25 1.02
C GLU A 523 10.22 29.61 0.39
N CYS A 524 10.45 29.72 -0.91
CA CYS A 524 10.09 30.94 -1.65
C CYS A 524 9.23 30.60 -2.88
N GLY A 525 8.41 29.56 -2.77
CA GLY A 525 7.47 29.18 -3.84
C GLY A 525 7.23 27.68 -3.85
N THR A 526 5.97 27.28 -4.05
CA THR A 526 5.58 25.87 -4.03
C THR A 526 4.40 25.65 -4.97
N LYS A 527 4.40 24.55 -5.69
CA LYS A 527 3.23 24.16 -6.50
C LYS A 527 3.06 22.65 -6.36
N TYR A 528 1.84 22.29 -5.97
CA TYR A 528 1.43 20.88 -5.87
C TYR A 528 0.30 20.63 -6.87
N LEU A 529 0.44 19.55 -7.64
CA LEU A 529 -0.55 19.07 -8.58
C LEU A 529 -0.90 17.59 -8.30
N LEU A 530 -2.04 17.34 -7.69
CA LEU A 530 -2.52 15.97 -7.47
C LEU A 530 -2.60 15.15 -8.77
N ASN A 531 -3.02 15.81 -9.84
CA ASN A 531 -3.49 15.21 -11.09
C ASN A 531 -2.77 15.72 -12.32
N LEU A 532 -1.47 15.54 -12.43
CA LEU A 532 -0.79 15.90 -13.67
C LEU A 532 -0.92 14.74 -14.65
N THR A 533 -1.58 15.01 -15.76
CA THR A 533 -1.77 14.03 -16.83
C THR A 533 -0.67 14.24 -17.86
N LEU A 534 0.13 13.21 -18.09
CA LEU A 534 1.13 13.23 -19.15
C LEU A 534 0.71 12.33 -20.33
N GLU A 535 0.32 12.97 -21.44
CA GLU A 535 -0.12 12.26 -22.64
C GLU A 535 1.05 11.51 -23.27
N PRO A 536 0.78 10.35 -23.93
CA PRO A 536 1.81 9.70 -24.74
C PRO A 536 2.61 10.63 -25.65
N PHE A 537 3.89 10.29 -25.82
CA PHE A 537 4.81 11.03 -26.69
C PHE A 537 4.64 12.55 -26.63
N SER A 538 4.64 13.09 -25.41
CA SER A 538 4.44 14.51 -25.18
C SER A 538 5.41 15.09 -24.15
N GLU A 539 5.42 16.42 -24.04
CA GLU A 539 6.14 17.11 -22.97
C GLU A 539 5.34 18.27 -22.39
N LYS A 540 5.70 18.67 -21.18
CA LYS A 540 5.08 19.80 -20.50
C LYS A 540 6.18 20.61 -19.81
N SER A 541 6.00 21.92 -19.78
CA SER A 541 6.80 22.77 -18.91
C SER A 541 5.85 23.38 -17.87
N VAL A 542 5.88 22.81 -16.66
CA VAL A 542 5.05 23.25 -15.55
C VAL A 542 5.76 24.35 -14.78
N PRO A 543 5.21 25.58 -14.80
CA PRO A 543 5.85 26.72 -14.18
C PRO A 543 5.55 26.89 -12.70
N LEU A 544 6.52 27.49 -12.00
CA LEU A 544 6.33 28.03 -10.65
C LEU A 544 6.97 29.41 -10.62
N CYS A 545 6.21 30.39 -10.17
CA CYS A 545 6.65 31.76 -10.07
C CYS A 545 7.44 32.03 -8.78
N ILE A 546 8.66 32.50 -8.97
CA ILE A 546 9.57 32.87 -7.89
C ILE A 546 9.52 34.39 -7.74
N LEU A 547 8.93 34.85 -6.63
CA LEU A 547 8.66 36.26 -6.40
C LEU A 547 9.78 36.86 -5.58
N TYR A 548 10.14 38.09 -5.90
CA TYR A 548 11.16 38.82 -5.15
C TYR A 548 10.71 38.95 -3.71
N GLU A 549 9.46 39.37 -3.52
CA GLU A 549 8.90 39.52 -2.20
C GLU A 549 8.99 38.25 -1.36
N LYS A 550 9.06 37.07 -1.99
CA LYS A 550 9.19 35.81 -1.24
C LYS A 550 10.64 35.40 -0.94
N TYR A 551 11.57 35.61 -1.88
CA TYR A 551 12.97 35.28 -1.58
C TYR A 551 13.77 36.45 -0.99
N ARG A 552 13.28 37.68 -1.11
CA ARG A 552 14.06 38.83 -0.68
C ARG A 552 14.58 38.72 0.76
N ASP A 553 13.70 38.50 1.73
CA ASP A 553 14.10 38.62 3.14
C ASP A 553 14.96 37.45 3.63
N CYS A 554 14.83 36.30 2.96
CA CYS A 554 15.37 35.04 3.45
C CYS A 554 16.52 34.46 2.63
N LEU A 555 17.15 35.30 1.79
CA LEU A 555 18.12 34.84 0.78
C LEU A 555 19.55 35.23 1.14
N THR A 556 20.48 34.30 0.97
CA THR A 556 21.90 34.51 1.33
C THR A 556 22.63 35.41 0.36
N GLU A 557 23.72 36.02 0.83
CA GLU A 557 24.58 36.84 -0.02
C GLU A 557 25.29 35.96 -1.10
N SER A 558 25.00 34.66 -1.07
CA SER A 558 25.30 33.75 -2.18
C SER A 558 24.29 33.87 -3.34
N ASN A 559 23.11 34.45 -3.08
CA ASN A 559 22.13 34.71 -4.13
C ASN A 559 21.52 33.42 -4.71
N LEU A 560 21.59 32.31 -3.96
CA LEU A 560 21.22 30.99 -4.51
C LEU A 560 19.82 30.53 -4.13
N ILE A 561 19.11 29.95 -5.09
CA ILE A 561 17.80 29.32 -4.86
C ILE A 561 17.80 27.89 -5.39
N LYS A 562 17.48 26.93 -4.53
CA LYS A 562 17.39 25.54 -4.95
C LYS A 562 15.94 25.26 -5.34
N VAL A 563 15.75 24.87 -6.59
CA VAL A 563 14.44 24.40 -7.08
C VAL A 563 14.47 22.87 -7.13
N ARG A 564 13.42 22.26 -6.61
CA ARG A 564 13.34 20.80 -6.52
C ARG A 564 11.97 20.36 -7.00
N ALA A 565 11.92 19.33 -7.83
CA ALA A 565 10.64 18.77 -8.30
C ALA A 565 10.59 17.27 -7.96
N LEU A 566 9.39 16.79 -7.63
CA LEU A 566 9.13 15.35 -7.42
C LEU A 566 7.91 14.99 -8.23
N LEU A 567 8.08 14.05 -9.16
CA LEU A 567 6.99 13.50 -9.94
C LEU A 567 6.71 12.10 -9.41
N VAL A 568 5.49 11.87 -8.93
CA VAL A 568 5.08 10.57 -8.38
C VAL A 568 4.04 9.87 -9.25
N GLU A 569 4.28 8.59 -9.54
CA GLU A 569 3.28 7.74 -10.17
C GLU A 569 2.93 6.65 -9.17
N PRO A 570 1.85 6.88 -8.39
CA PRO A 570 1.51 6.05 -7.25
C PRO A 570 1.11 4.60 -7.58
N VAL A 571 0.64 4.33 -8.80
CA VAL A 571 0.23 2.97 -9.18
C VAL A 571 1.39 1.97 -9.21
N ILE A 572 2.45 2.27 -9.95
CA ILE A 572 3.64 1.41 -9.96
C ILE A 572 4.60 1.81 -8.83
N ASN A 573 4.33 2.95 -8.19
CA ASN A 573 5.15 3.44 -7.10
C ASN A 573 6.55 3.87 -7.63
N SER A 574 6.53 4.72 -8.66
CA SER A 574 7.76 5.21 -9.27
C SER A 574 7.88 6.69 -9.03
N TYR A 575 9.11 7.15 -8.83
CA TYR A 575 9.41 8.50 -8.35
C TYR A 575 10.55 9.09 -9.17
N LEU A 576 10.32 10.29 -9.70
CA LEU A 576 11.35 11.06 -10.41
C LEU A 576 11.62 12.34 -9.67
N LEU A 577 12.89 12.56 -9.32
CA LEU A 577 13.32 13.76 -8.60
C LEU A 577 14.21 14.60 -9.54
N ALA A 578 14.01 15.90 -9.53
CA ALA A 578 14.91 16.84 -10.25
C ALA A 578 15.29 17.97 -9.31
N GLU A 579 16.55 18.39 -9.35
CA GLU A 579 16.99 19.48 -8.52
C GLU A 579 18.02 20.31 -9.29
N ARG A 580 17.94 21.62 -9.11
CA ARG A 580 18.83 22.56 -9.76
C ARG A 580 18.94 23.80 -8.88
N ASP A 581 20.17 24.18 -8.59
CA ASP A 581 20.45 25.44 -7.91
C ASP A 581 20.58 26.54 -8.94
N LEU A 582 19.93 27.66 -8.66
CA LEU A 582 19.98 28.83 -9.54
C LEU A 582 20.68 30.04 -8.89
N TYR A 583 21.50 30.76 -9.66
CA TYR A 583 22.25 31.93 -9.17
C TYR A 583 21.55 33.20 -9.63
N LEU A 584 21.03 34.00 -8.69
CA LEU A 584 20.38 35.26 -9.03
C LEU A 584 21.49 36.30 -9.19
N GLU A 585 21.69 36.77 -10.40
CA GLU A 585 22.89 37.54 -10.66
C GLU A 585 22.69 38.97 -10.26
N ASN A 586 23.79 39.61 -9.85
CA ASN A 586 23.81 41.00 -9.46
C ASN A 586 23.76 41.91 -10.67
N PRO A 587 23.36 43.17 -10.46
CA PRO A 587 23.38 44.09 -11.58
C PRO A 587 24.81 44.35 -12.02
N GLU A 588 25.01 44.49 -13.32
CA GLU A 588 26.30 44.79 -13.87
C GLU A 588 26.66 46.24 -13.52
N ILE A 589 27.92 46.50 -13.21
CA ILE A 589 28.40 47.87 -13.10
C ILE A 589 28.93 48.23 -14.47
N LYS A 590 28.26 49.14 -15.17
CA LYS A 590 28.79 49.66 -16.42
C LYS A 590 29.98 50.54 -16.03
N ILE A 591 31.09 50.37 -16.74
CA ILE A 591 32.27 51.19 -16.51
C ILE A 591 32.74 51.71 -17.86
N ARG A 592 32.56 53.02 -18.06
CA ARG A 592 32.89 53.65 -19.33
C ARG A 592 34.17 54.48 -19.25
N ILE A 593 34.86 54.54 -20.38
CA ILE A 593 36.20 55.13 -20.46
C ILE A 593 36.19 56.39 -21.34
N LEU A 594 35.89 57.54 -20.73
CA LEU A 594 35.92 58.81 -21.45
C LEU A 594 37.37 59.22 -21.73
N GLY A 595 37.60 59.90 -22.85
CA GLY A 595 38.94 60.32 -23.23
C GLY A 595 39.67 59.29 -24.07
N GLU A 596 40.95 59.53 -24.35
CA GLU A 596 41.73 58.65 -25.21
C GLU A 596 42.35 57.47 -24.44
N PRO A 597 42.98 56.55 -25.17
CA PRO A 597 43.78 55.50 -24.56
C PRO A 597 45.29 55.62 -24.84
N LYS A 598 45.72 56.77 -25.34
CA LYS A 598 47.13 56.99 -25.65
C LYS A 598 47.98 56.91 -24.39
N GLN A 599 49.26 56.57 -24.56
CA GLN A 599 50.10 56.13 -23.43
C GLN A 599 50.60 57.27 -22.53
N LYS A 600 49.72 58.23 -22.22
CA LYS A 600 50.15 59.52 -21.70
C LYS A 600 49.26 60.08 -20.58
N ARG A 601 48.15 60.70 -20.98
CA ARG A 601 47.57 61.85 -20.25
C ARG A 601 46.14 61.67 -19.72
N LYS A 602 45.48 62.79 -19.44
CA LYS A 602 44.19 62.84 -18.70
C LYS A 602 43.10 61.90 -19.21
N LEU A 603 42.26 61.43 -18.28
CA LEU A 603 41.28 60.39 -18.55
C LEU A 603 40.15 60.40 -17.51
N VAL A 604 38.91 60.23 -17.96
CA VAL A 604 37.75 60.21 -17.05
C VAL A 604 36.97 58.89 -17.15
N ALA A 605 36.58 58.36 -15.99
CA ALA A 605 35.89 57.07 -15.90
C ALA A 605 34.44 57.29 -15.46
N GLU A 606 33.50 56.86 -16.29
CA GLU A 606 32.07 56.89 -15.98
C GLU A 606 31.58 55.49 -15.61
N VAL A 607 31.20 55.31 -14.35
CA VAL A 607 30.66 54.04 -13.87
C VAL A 607 29.19 54.18 -13.43
N SER A 608 28.37 53.20 -13.81
CA SER A 608 26.94 53.21 -13.50
C SER A 608 26.37 51.84 -13.12
N LEU A 609 25.13 51.85 -12.66
CA LEU A 609 24.43 50.68 -12.14
C LEU A 609 22.94 50.99 -12.09
N GLN A 610 22.11 50.08 -12.63
CA GLN A 610 20.66 50.24 -12.54
C GLN A 610 20.17 49.47 -11.33
N ASN A 611 19.39 50.11 -10.47
CA ASN A 611 18.76 49.44 -9.34
C ASN A 611 17.79 48.37 -9.87
N PRO A 612 18.11 47.08 -9.65
CA PRO A 612 17.31 45.99 -10.24
C PRO A 612 16.08 45.65 -9.41
N LEU A 613 16.07 46.12 -8.15
CA LEU A 613 15.01 45.81 -7.23
C LEU A 613 13.77 46.63 -7.57
N PRO A 614 12.59 46.17 -7.09
CA PRO A 614 11.37 46.96 -7.11
C PRO A 614 11.30 47.95 -5.94
N VAL A 615 12.41 48.14 -5.23
CA VAL A 615 12.46 49.06 -4.09
C VAL A 615 13.70 49.94 -4.19
N ALA A 616 13.62 51.10 -3.54
CA ALA A 616 14.69 52.09 -3.59
C ALA A 616 15.90 51.63 -2.77
N LEU A 617 17.07 52.06 -3.23
CA LEU A 617 18.35 51.66 -2.65
C LEU A 617 18.87 52.78 -1.77
N GLU A 618 19.19 52.46 -0.51
CA GLU A 618 19.69 53.45 0.47
C GLU A 618 21.18 53.27 0.73
N GLY A 619 21.88 54.38 0.97
CA GLY A 619 23.30 54.35 1.31
C GLY A 619 24.17 53.83 0.18
N CYS A 620 23.94 54.33 -1.03
CA CYS A 620 24.74 53.95 -2.19
C CYS A 620 26.10 54.61 -2.11
N THR A 621 27.14 53.81 -2.37
CA THR A 621 28.50 54.32 -2.42
C THR A 621 29.34 53.47 -3.35
N PHE A 622 29.98 54.12 -4.32
CA PHE A 622 30.99 53.50 -5.15
C PHE A 622 32.36 53.70 -4.50
N THR A 623 33.18 52.64 -4.46
CA THR A 623 34.60 52.76 -4.22
C THR A 623 35.30 52.30 -5.48
N VAL A 624 36.34 53.01 -5.89
CA VAL A 624 37.04 52.70 -7.14
C VAL A 624 38.55 52.82 -7.00
N GLU A 625 39.26 51.88 -7.60
CA GLU A 625 40.71 51.96 -7.68
C GLU A 625 41.26 51.10 -8.80
N GLY A 626 42.56 51.27 -9.09
CA GLY A 626 43.17 50.58 -10.21
C GLY A 626 44.52 51.14 -10.59
N ALA A 627 45.58 50.56 -10.01
CA ALA A 627 46.97 50.98 -10.25
C ALA A 627 47.28 51.00 -11.75
N GLY A 628 47.93 52.08 -12.20
CA GLY A 628 48.15 52.33 -13.63
C GLY A 628 47.09 53.25 -14.23
N LEU A 629 46.02 53.50 -13.47
CA LEU A 629 44.93 54.40 -13.85
C LEU A 629 44.74 55.49 -12.82
N THR A 630 44.70 55.11 -11.54
CA THR A 630 44.59 56.06 -10.44
C THR A 630 45.56 55.69 -9.34
N GLU A 631 45.94 56.68 -8.55
CA GLU A 631 46.80 56.42 -7.39
C GLU A 631 46.06 56.62 -6.08
N GLU A 632 44.89 57.27 -6.14
CA GLU A 632 44.03 57.38 -4.98
C GLU A 632 42.77 56.56 -5.20
N GLN A 633 42.38 55.83 -4.16
CA GLN A 633 41.09 55.17 -4.10
C GLN A 633 40.03 56.28 -4.02
N LYS A 634 39.09 56.26 -4.96
CA LYS A 634 38.00 57.22 -4.98
C LYS A 634 36.71 56.62 -4.47
N THR A 635 36.21 57.18 -3.37
CA THR A 635 34.92 56.75 -2.79
C THR A 635 33.87 57.85 -2.98
N VAL A 636 32.86 57.58 -3.80
CA VAL A 636 31.76 58.54 -3.98
C VAL A 636 30.59 58.20 -3.06
N GLU A 637 29.87 59.24 -2.65
CA GLU A 637 28.78 59.12 -1.71
C GLU A 637 27.52 59.60 -2.42
N ILE A 638 26.45 58.82 -2.30
CA ILE A 638 25.19 59.14 -2.99
C ILE A 638 24.09 59.27 -1.94
N PRO A 639 23.81 60.51 -1.51
CA PRO A 639 22.73 60.72 -0.53
C PRO A 639 21.33 60.54 -1.09
N ASP A 640 21.12 60.94 -2.34
CA ASP A 640 19.83 60.76 -3.01
C ASP A 640 19.62 59.26 -3.28
N PRO A 641 18.61 58.63 -2.65
CA PRO A 641 18.41 57.20 -2.83
C PRO A 641 18.07 56.84 -4.26
N VAL A 642 18.58 55.69 -4.72
CA VAL A 642 18.34 55.24 -6.08
C VAL A 642 17.01 54.48 -6.12
N GLU A 643 16.02 55.08 -6.75
CA GLU A 643 14.68 54.49 -6.84
C GLU A 643 14.76 53.16 -7.60
N ALA A 644 13.67 52.40 -7.55
CA ALA A 644 13.54 51.15 -8.31
C ALA A 644 13.69 51.43 -9.81
N GLY A 645 14.66 50.78 -10.44
CA GLY A 645 14.91 50.97 -11.87
C GLY A 645 15.75 52.19 -12.21
N GLU A 646 15.96 53.10 -11.25
CA GLU A 646 16.81 54.26 -11.46
C GLU A 646 18.25 53.80 -11.58
N GLU A 647 18.98 54.38 -12.52
CA GLU A 647 20.42 54.18 -12.58
C GLU A 647 21.10 55.31 -11.82
N VAL A 648 22.29 55.01 -11.33
CA VAL A 648 23.16 56.02 -10.74
C VAL A 648 24.50 55.96 -11.48
N LYS A 649 25.00 57.14 -11.83
CA LYS A 649 26.32 57.30 -12.45
C LYS A 649 27.24 58.09 -11.50
N VAL A 650 28.54 57.85 -11.63
CA VAL A 650 29.54 58.74 -11.05
C VAL A 650 30.71 58.83 -12.02
N ARG A 651 31.29 60.02 -12.12
CA ARG A 651 32.45 60.25 -12.99
C ARG A 651 33.63 60.55 -12.09
N MET A 652 34.80 59.99 -12.41
CA MET A 652 36.01 60.20 -11.62
C MET A 652 37.25 60.23 -12.50
N ASP A 653 38.22 61.04 -12.11
CA ASP A 653 39.39 61.29 -12.96
C ASP A 653 40.55 60.33 -12.75
N LEU A 654 41.01 59.76 -13.87
CA LEU A 654 42.20 58.90 -13.90
C LEU A 654 43.37 59.66 -14.54
N VAL A 655 44.58 59.11 -14.41
CA VAL A 655 45.76 59.63 -15.12
C VAL A 655 46.78 58.50 -15.36
N PRO A 656 46.71 57.84 -16.54
CA PRO A 656 47.63 56.74 -16.87
C PRO A 656 49.08 57.18 -17.07
N LEU A 657 49.93 56.24 -17.48
CA LEU A 657 51.36 56.53 -17.64
C LEU A 657 52.12 55.58 -18.56
N HIS A 658 51.76 54.29 -18.57
CA HIS A 658 52.55 53.27 -19.31
C HIS A 658 51.77 52.34 -20.25
N MET A 659 52.52 51.77 -21.21
CA MET A 659 52.00 51.15 -22.45
C MET A 659 50.62 50.51 -22.44
N GLY A 660 50.42 49.56 -21.52
CA GLY A 660 49.50 48.45 -21.77
C GLY A 660 48.26 48.43 -20.93
N LEU A 661 47.80 47.22 -20.63
CA LEU A 661 46.51 46.98 -19.99
C LEU A 661 46.49 47.36 -18.51
N HIS A 662 45.46 48.10 -18.12
CA HIS A 662 45.17 48.41 -16.74
C HIS A 662 43.71 48.11 -16.46
N LYS A 663 43.42 47.69 -15.24
CA LYS A 663 42.10 47.23 -14.90
C LYS A 663 41.60 48.16 -13.82
N LEU A 664 40.56 48.92 -14.14
CA LEU A 664 39.88 49.74 -13.14
C LEU A 664 38.91 48.80 -12.45
N VAL A 665 38.83 48.91 -11.13
CA VAL A 665 38.08 47.99 -10.28
C VAL A 665 37.11 48.78 -9.38
N VAL A 666 35.86 48.32 -9.32
CA VAL A 666 34.80 49.03 -8.64
C VAL A 666 34.05 48.13 -7.66
N ASN A 667 33.78 48.66 -6.46
CA ASN A 667 32.85 48.08 -5.50
C ASN A 667 31.67 49.04 -5.34
N PHE A 668 30.47 48.46 -5.26
CA PHE A 668 29.24 49.22 -4.98
C PHE A 668 28.59 48.57 -3.77
N GLU A 669 28.29 49.36 -2.76
CA GLU A 669 27.69 48.83 -1.55
C GLU A 669 26.40 49.60 -1.23
N SER A 670 25.48 48.92 -0.55
CA SER A 670 24.17 49.50 -0.20
C SER A 670 23.60 48.87 1.06
N ASP A 671 22.42 49.34 1.47
CA ASP A 671 21.70 48.70 2.57
C ASP A 671 21.12 47.37 2.08
N LYS A 672 20.61 47.34 0.85
CA LYS A 672 19.94 46.14 0.33
C LYS A 672 20.72 45.45 -0.80
N LEU A 673 21.90 45.93 -1.12
CA LEU A 673 22.63 45.42 -2.30
C LEU A 673 24.15 45.64 -2.16
N LYS A 674 24.77 44.80 -1.34
CA LYS A 674 26.17 44.96 -0.92
C LYS A 674 27.18 44.22 -1.80
N ALA A 675 28.43 44.70 -1.74
CA ALA A 675 29.57 44.09 -2.39
C ALA A 675 29.27 43.58 -3.79
N VAL A 676 28.75 44.45 -4.64
CA VAL A 676 28.68 44.15 -6.08
C VAL A 676 29.93 44.73 -6.74
N LYS A 677 30.63 43.88 -7.49
CA LYS A 677 31.91 44.21 -8.12
C LYS A 677 31.82 44.39 -9.66
N GLY A 678 32.82 45.09 -10.19
CA GLY A 678 32.95 45.35 -11.62
C GLY A 678 34.42 45.64 -11.94
N PHE A 679 34.79 45.51 -13.20
CA PHE A 679 36.13 45.89 -13.65
C PHE A 679 36.05 46.29 -15.12
N ARG A 680 37.05 47.05 -15.59
CA ARG A 680 37.21 47.33 -17.01
C ARG A 680 38.69 47.37 -17.38
N ASN A 681 39.04 46.69 -18.47
CA ASN A 681 40.37 46.79 -19.06
C ASN A 681 40.47 48.07 -19.89
N VAL A 682 41.59 48.77 -19.78
CA VAL A 682 41.81 50.03 -20.51
C VAL A 682 43.17 50.02 -21.19
N ILE A 683 43.25 50.66 -22.36
CA ILE A 683 44.47 50.76 -23.20
C ILE A 683 44.90 49.40 -23.77
N PRO B 2 3.96 1.98 16.89
CA PRO B 2 2.97 2.26 15.83
C PRO B 2 3.64 2.27 14.46
N LEU B 4 4.77 4.41 11.26
CA LEU B 4 5.29 5.73 10.94
C LEU B 4 5.76 5.73 9.49
N PRO B 5 5.87 6.87 8.78
CA PRO B 5 6.38 6.92 7.39
C PRO B 5 7.80 6.34 7.42
N PHE B 6 8.25 5.72 6.33
CA PHE B 6 9.60 5.13 6.31
C PHE B 6 10.63 6.25 6.57
#